data_8VVB
#
_entry.id   8VVB
#
_cell.length_a   65.760
_cell.length_b   109.190
_cell.length_c   140.570
_cell.angle_alpha   90.000
_cell.angle_beta   90.000
_cell.angle_gamma   90.000
#
_symmetry.space_group_name_H-M   'P 21 21 21'
#
loop_
_entity.id
_entity.type
_entity.pdbx_description
1 polymer 'L5A7 Heavy Chain'
2 polymer 'L5A7 Light Chain'
3 water water
#
loop_
_entity_poly.entity_id
_entity_poly.type
_entity_poly.pdbx_seq_one_letter_code
_entity_poly.pdbx_strand_id
1 'polypeptide(L)'
;QVQLQQSGPGLVKPSQTLSLTCGISGDSVSSDAAAWDWIRQSPSRGLEWLGRTFYRSRWHHDYSESVKNRITINADTSKN
QFSLQLTSVTPEDTATYYCARAGVRVFGIIVNSLDYWGQGTLVTVSSASTKGPSVFPLAPSSKSTSGGTAALGCLVKDYF
PEPVTVSWNSGALTSGVHTFPAVLQSSGLYSLSSVVTVPSSSLGTQTYICNVNHKPSNTKVDKKVEPKSC
;
A,C
2 'polypeptide(L)'
;AIQLTQSPSSLSASVGDRVTITCRASQATSSYLAWYQQKPGKAPKLLIYAASTLQSGVPSRFSGSGSGTDFTLTITSLQP
EDFATYYCQLSKTFGPGTKVEIKRTVAAPSVFIFPPSDEQLKSGTASVVCLLNNFYPREAKVQWKVDNALQSGNSQESVT
EQDSKDSTYSLSSTLTLSKADYEKHKVYACEVTHQGLSSPVTKSFNRGEC
;
B,D
#
# COMPACT_ATOMS: atom_id res chain seq x y z
N GLN A 1 -33.10 10.08 0.03
CA GLN A 1 -31.70 10.23 0.43
C GLN A 1 -31.09 11.52 -0.12
N VAL A 2 -30.04 12.00 0.54
CA VAL A 2 -29.10 12.93 -0.09
C VAL A 2 -28.25 12.16 -1.07
N GLN A 3 -28.08 12.68 -2.28
CA GLN A 3 -27.33 12.00 -3.34
C GLN A 3 -26.00 12.70 -3.56
N LEU A 4 -24.92 11.93 -3.61
CA LEU A 4 -23.56 12.45 -3.76
C LEU A 4 -22.96 11.86 -5.03
N GLN A 5 -22.64 12.72 -5.99
CA GLN A 5 -22.16 12.29 -7.31
C GLN A 5 -20.70 12.72 -7.48
N GLN A 6 -19.80 11.75 -7.60
CA GLN A 6 -18.37 12.02 -7.67
C GLN A 6 -17.93 12.14 -9.12
N SER A 7 -16.95 13.00 -9.36
CA SER A 7 -16.35 13.14 -10.68
C SER A 7 -14.87 13.48 -10.52
N GLY A 8 -14.12 13.33 -11.61
CA GLY A 8 -12.70 13.60 -11.59
C GLY A 8 -11.87 12.42 -12.04
N PRO A 9 -10.72 12.69 -12.64
CA PRO A 9 -9.89 11.61 -13.18
C PRO A 9 -9.26 10.78 -12.07
N GLY A 10 -9.10 9.50 -12.33
CA GLY A 10 -8.50 8.59 -11.37
C GLY A 10 -7.00 8.54 -11.44
N LEU A 11 -6.43 8.68 -12.64
CA LEU A 11 -5.00 8.48 -12.84
C LEU A 11 -4.25 9.78 -12.63
N VAL A 12 -3.24 9.75 -11.76
CA VAL A 12 -2.44 10.92 -11.37
C VAL A 12 -0.99 10.49 -11.40
N LYS A 13 -0.14 11.28 -12.04
CA LYS A 13 1.27 10.96 -12.05
C LYS A 13 1.90 11.26 -10.69
N PRO A 14 2.90 10.48 -10.28
CA PRO A 14 3.58 10.77 -9.02
C PRO A 14 4.04 12.22 -8.99
N SER A 15 3.88 12.84 -7.82
CA SER A 15 4.25 14.23 -7.50
C SER A 15 3.20 15.24 -7.98
N GLN A 16 2.19 14.84 -8.74
CA GLN A 16 1.21 15.78 -9.24
C GLN A 16 -0.03 15.77 -8.33
N THR A 17 -1.11 16.40 -8.78
CA THR A 17 -2.23 16.72 -7.90
C THR A 17 -3.47 15.91 -8.26
N LEU A 18 -4.08 15.32 -7.24
CA LEU A 18 -5.36 14.64 -7.38
C LEU A 18 -6.46 15.65 -7.11
N SER A 19 -7.44 15.72 -8.01
CA SER A 19 -8.56 16.66 -7.89
C SER A 19 -9.86 15.90 -8.12
N LEU A 20 -10.75 15.91 -7.14
CA LEU A 20 -12.05 15.26 -7.26
C LEU A 20 -13.15 16.23 -6.81
N THR A 21 -14.35 16.01 -7.33
CA THR A 21 -15.50 16.83 -6.98
C THR A 21 -16.65 15.94 -6.55
N CYS A 22 -17.45 16.43 -5.60
CA CYS A 22 -18.65 15.74 -5.13
C CYS A 22 -19.83 16.70 -5.26
N GLY A 23 -20.76 16.38 -6.16
CA GLY A 23 -21.98 17.16 -6.33
C GLY A 23 -23.10 16.64 -5.45
N ILE A 24 -23.81 17.56 -4.78
CA ILE A 24 -24.80 17.24 -3.77
C ILE A 24 -26.19 17.55 -4.30
N SER A 25 -27.12 16.59 -4.14
CA SER A 25 -28.54 16.80 -4.40
C SER A 25 -29.35 16.35 -3.20
N GLY A 26 -30.27 17.21 -2.74
CA GLY A 26 -31.10 16.89 -1.60
C GLY A 26 -30.68 17.53 -0.28
N ASP A 27 -29.64 18.34 -0.29
CA ASP A 27 -29.22 19.13 0.86
C ASP A 27 -28.40 20.28 0.30
N SER A 28 -28.15 21.28 1.15
CA SER A 28 -27.33 22.40 0.76
C SER A 28 -25.95 22.25 1.40
N VAL A 29 -24.90 22.45 0.62
CA VAL A 29 -23.55 22.31 1.15
C VAL A 29 -23.32 23.26 2.32
N SER A 30 -24.09 24.37 2.41
CA SER A 30 -23.95 25.34 3.48
C SER A 30 -24.76 25.01 4.73
N SER A 31 -25.52 23.91 4.75
CA SER A 31 -26.40 23.62 5.88
C SER A 31 -25.64 23.52 7.19
N ASP A 32 -26.17 24.21 8.22
CA ASP A 32 -25.54 24.18 9.55
C ASP A 32 -25.79 22.88 10.30
N ALA A 33 -26.50 21.93 9.69
CA ALA A 33 -26.68 20.60 10.25
C ALA A 33 -25.81 19.55 9.59
N ALA A 34 -25.02 19.91 8.57
CA ALA A 34 -24.26 18.96 7.79
C ALA A 34 -22.76 19.19 7.95
N ALA A 35 -21.99 18.14 7.66
CA ALA A 35 -20.56 18.26 7.43
C ALA A 35 -20.22 17.35 6.25
N TRP A 36 -19.16 17.71 5.52
CA TRP A 36 -18.86 17.07 4.24
C TRP A 36 -17.45 16.52 4.30
N ASP A 37 -17.32 15.20 4.16
CA ASP A 37 -16.07 14.50 4.41
C ASP A 37 -15.54 13.86 3.14
N TRP A 38 -14.22 13.67 3.09
CA TRP A 38 -13.58 12.77 2.15
C TRP A 38 -12.95 11.63 2.94
N ILE A 39 -13.14 10.40 2.45
CA ILE A 39 -12.65 9.16 3.04
C ILE A 39 -11.95 8.43 1.91
N ARG A 40 -10.89 7.69 2.21
CA ARG A 40 -10.34 6.80 1.19
C ARG A 40 -10.19 5.40 1.74
N GLN A 41 -10.09 4.44 0.83
CA GLN A 41 -10.03 3.04 1.22
C GLN A 41 -9.04 2.29 0.33
N SER A 42 -8.19 1.50 0.94
CA SER A 42 -7.25 0.67 0.20
C SER A 42 -7.10 -0.66 0.93
N PRO A 43 -6.68 -1.71 0.22
CA PRO A 43 -6.49 -3.00 0.89
C PRO A 43 -5.52 -2.91 2.05
N SER A 44 -4.48 -2.09 1.91
CA SER A 44 -3.46 -1.99 2.94
C SER A 44 -3.96 -1.23 4.17
N ARG A 45 -4.52 -0.03 3.98
CA ARG A 45 -4.79 0.86 5.10
C ARG A 45 -6.24 0.89 5.54
N GLY A 46 -7.12 0.10 4.91
CA GLY A 46 -8.51 0.11 5.35
C GLY A 46 -9.16 1.44 5.01
N LEU A 47 -10.14 1.82 5.82
CA LEU A 47 -10.84 3.09 5.64
C LEU A 47 -10.13 4.18 6.42
N GLU A 48 -9.82 5.29 5.76
CA GLU A 48 -9.11 6.39 6.40
C GLU A 48 -9.84 7.70 6.12
N TRP A 49 -10.22 8.41 7.19
CA TRP A 49 -10.76 9.75 7.06
C TRP A 49 -9.67 10.71 6.63
N LEU A 50 -9.98 11.56 5.64
CA LEU A 50 -9.01 12.55 5.15
C LEU A 50 -9.28 13.96 5.63
N GLY A 51 -10.54 14.39 5.64
CA GLY A 51 -10.81 15.76 6.05
C GLY A 51 -12.28 16.08 5.90
N ARG A 52 -12.61 17.31 6.32
CA ARG A 52 -14.00 17.72 6.48
C ARG A 52 -14.10 19.22 6.26
N THR A 53 -15.17 19.67 5.60
CA THR A 53 -15.53 21.08 5.59
C THR A 53 -16.99 21.22 5.99
N PHE A 54 -17.31 22.32 6.66
CA PHE A 54 -18.68 22.57 7.08
C PHE A 54 -18.83 24.05 7.40
N TYR A 55 -20.07 24.52 7.32
CA TYR A 55 -20.40 25.94 7.50
C TYR A 55 -21.28 26.10 8.71
N ARG A 56 -20.90 27.02 9.60
CA ARG A 56 -21.76 27.36 10.72
C ARG A 56 -21.97 28.87 10.70
N SER A 57 -21.11 29.62 11.38
CA SER A 57 -21.05 31.06 11.16
C SER A 57 -20.04 31.43 10.09
N ARG A 58 -19.10 30.54 9.80
CA ARG A 58 -18.12 30.69 8.75
C ARG A 58 -17.81 29.28 8.24
N TRP A 59 -16.96 29.20 7.23
CA TRP A 59 -16.50 27.90 6.75
C TRP A 59 -15.36 27.40 7.63
N HIS A 60 -15.42 26.10 7.95
CA HIS A 60 -14.41 25.46 8.78
C HIS A 60 -13.78 24.32 7.98
N HIS A 61 -12.54 23.99 8.34
CA HIS A 61 -11.80 22.90 7.71
C HIS A 61 -11.11 22.10 8.79
N ASP A 62 -11.23 20.77 8.73
CA ASP A 62 -10.53 19.88 9.64
C ASP A 62 -9.89 18.78 8.82
N TYR A 63 -8.58 18.57 8.97
CA TYR A 63 -7.85 17.65 8.12
C TYR A 63 -7.09 16.63 8.94
N SER A 64 -6.91 15.44 8.36
CA SER A 64 -6.16 14.37 8.98
C SER A 64 -4.68 14.71 9.04
N GLU A 65 -4.03 14.26 10.11
CA GLU A 65 -2.58 14.39 10.20
C GLU A 65 -1.88 13.62 9.09
N SER A 66 -2.50 12.54 8.61
CA SER A 66 -1.86 11.66 7.64
C SER A 66 -1.64 12.34 6.29
N VAL A 67 -2.33 13.44 6.01
CA VAL A 67 -2.18 14.14 4.74
C VAL A 67 -1.88 15.60 5.04
N LYS A 68 -1.18 15.83 6.15
CA LYS A 68 -0.83 17.18 6.56
C LYS A 68 -0.13 17.92 5.45
N ASN A 69 -0.59 19.15 5.22
CA ASN A 69 0.00 20.11 4.31
C ASN A 69 -0.15 19.72 2.84
N ARG A 70 -0.93 18.69 2.54
CA ARG A 70 -1.16 18.28 1.17
C ARG A 70 -2.62 18.39 0.74
N ILE A 71 -3.55 18.69 1.65
CA ILE A 71 -4.97 18.52 1.37
C ILE A 71 -5.69 19.86 1.44
N THR A 72 -6.62 20.07 0.50
CA THR A 72 -7.55 21.19 0.53
C THR A 72 -8.93 20.66 0.19
N ILE A 73 -9.92 21.03 1.00
CA ILE A 73 -11.32 20.68 0.75
C ILE A 73 -12.08 21.99 0.70
N ASN A 74 -12.65 22.31 -0.45
CA ASN A 74 -13.39 23.56 -0.64
C ASN A 74 -14.83 23.25 -1.03
N ALA A 75 -15.75 24.09 -0.57
CA ALA A 75 -17.14 24.02 -1.00
C ALA A 75 -17.40 25.09 -2.06
N ASP A 76 -18.32 24.78 -2.97
CA ASP A 76 -18.79 25.72 -3.98
C ASP A 76 -20.29 25.87 -3.78
N THR A 77 -20.72 27.00 -3.22
CA THR A 77 -22.15 27.15 -2.91
C THR A 77 -22.98 27.31 -4.18
N SER A 78 -22.44 27.96 -5.21
CA SER A 78 -23.22 28.15 -6.44
C SER A 78 -23.48 26.83 -7.16
N LYS A 79 -22.56 25.89 -7.08
CA LYS A 79 -22.76 24.60 -7.73
C LYS A 79 -23.27 23.54 -6.77
N ASN A 80 -23.33 23.86 -5.47
CA ASN A 80 -23.70 22.92 -4.41
C ASN A 80 -22.84 21.66 -4.49
N GLN A 81 -21.54 21.87 -4.35
CA GLN A 81 -20.58 20.78 -4.43
C GLN A 81 -19.46 21.07 -3.45
N PHE A 82 -18.63 20.06 -3.21
CA PHE A 82 -17.36 20.28 -2.53
C PHE A 82 -16.30 19.43 -3.21
N SER A 83 -15.04 19.79 -2.99
CA SER A 83 -13.97 19.20 -3.76
C SER A 83 -12.84 18.73 -2.85
N LEU A 84 -12.01 17.87 -3.40
CA LEU A 84 -10.78 17.42 -2.75
C LEU A 84 -9.61 17.72 -3.67
N GLN A 85 -8.57 18.34 -3.12
CA GLN A 85 -7.30 18.49 -3.81
C GLN A 85 -6.22 17.91 -2.93
N LEU A 86 -5.46 16.97 -3.45
CA LEU A 86 -4.37 16.32 -2.73
C LEU A 86 -3.11 16.49 -3.58
N THR A 87 -2.13 17.25 -3.07
CA THR A 87 -0.94 17.56 -3.83
C THR A 87 0.17 16.56 -3.56
N SER A 88 1.17 16.57 -4.45
CA SER A 88 2.40 15.78 -4.28
C SER A 88 2.11 14.31 -3.99
N VAL A 89 1.25 13.71 -4.82
CA VAL A 89 0.82 12.35 -4.52
C VAL A 89 1.96 11.37 -4.74
N THR A 90 1.92 10.27 -4.00
CA THR A 90 2.87 9.17 -4.13
C THR A 90 2.07 7.88 -4.29
N PRO A 91 2.73 6.75 -4.59
CA PRO A 91 1.99 5.48 -4.66
C PRO A 91 1.21 5.15 -3.39
N GLU A 92 1.58 5.71 -2.24
CA GLU A 92 0.82 5.49 -1.02
C GLU A 92 -0.59 6.08 -1.11
N ASP A 93 -0.84 7.00 -2.04
CA ASP A 93 -2.16 7.62 -2.18
C ASP A 93 -3.08 6.88 -3.13
N THR A 94 -2.62 5.79 -3.75
CA THR A 94 -3.51 4.97 -4.57
C THR A 94 -4.57 4.36 -3.68
N ALA A 95 -5.84 4.59 -4.03
CA ALA A 95 -6.96 4.19 -3.17
C ALA A 95 -8.26 4.50 -3.89
N THR A 96 -9.35 4.02 -3.32
CA THR A 96 -10.67 4.45 -3.74
C THR A 96 -11.10 5.59 -2.82
N TYR A 97 -11.46 6.74 -3.40
CA TYR A 97 -11.80 7.94 -2.65
C TYR A 97 -13.31 8.12 -2.62
N TYR A 98 -13.87 8.33 -1.42
CA TYR A 98 -15.30 8.54 -1.25
C TYR A 98 -15.56 9.92 -0.66
N CYS A 99 -16.58 10.61 -1.18
CA CYS A 99 -17.14 11.72 -0.42
C CYS A 99 -18.30 11.21 0.43
N ALA A 100 -18.61 11.94 1.50
CA ALA A 100 -19.68 11.49 2.40
C ALA A 100 -20.25 12.67 3.15
N ARG A 101 -21.48 12.52 3.62
CA ARG A 101 -22.12 13.51 4.48
C ARG A 101 -22.14 13.00 5.91
N ALA A 102 -21.61 13.80 6.83
CA ALA A 102 -21.63 13.47 8.25
C ALA A 102 -22.80 14.17 8.91
N GLY A 103 -23.52 13.43 9.74
CA GLY A 103 -24.58 14.02 10.53
C GLY A 103 -25.82 13.17 10.56
N VAL A 104 -26.19 12.70 11.75
CA VAL A 104 -27.40 11.95 11.99
C VAL A 104 -28.03 12.51 13.25
N ARG A 105 -29.34 12.71 13.22
CA ARG A 105 -30.03 13.27 14.37
C ARG A 105 -30.40 12.17 15.37
N VAL A 106 -29.97 12.35 16.62
CA VAL A 106 -30.32 11.44 17.71
C VAL A 106 -30.12 12.20 19.01
N PHE A 107 -30.93 11.86 20.03
CA PHE A 107 -30.81 12.46 21.35
C PHE A 107 -30.93 13.99 21.31
N GLY A 108 -31.63 14.52 20.32
CA GLY A 108 -31.76 15.96 20.15
C GLY A 108 -30.51 16.66 19.67
N ILE A 109 -29.45 15.92 19.34
CA ILE A 109 -28.21 16.48 18.83
C ILE A 109 -27.90 15.87 17.47
N ILE A 110 -26.70 16.12 16.95
CA ILE A 110 -26.24 15.56 15.69
C ILE A 110 -24.94 14.83 15.95
N VAL A 111 -24.91 13.53 15.63
CA VAL A 111 -23.67 12.75 15.71
C VAL A 111 -23.10 12.62 14.30
N ASN A 112 -21.78 12.66 14.20
CA ASN A 112 -21.13 12.81 12.90
C ASN A 112 -20.95 11.49 12.17
N SER A 113 -21.97 10.63 12.19
CA SER A 113 -21.92 9.38 11.46
C SER A 113 -22.22 9.63 9.98
N LEU A 114 -21.70 8.77 9.12
CA LEU A 114 -21.71 9.02 7.67
C LEU A 114 -22.94 8.34 7.06
N ASP A 115 -24.01 9.10 6.92
CA ASP A 115 -25.29 8.53 6.50
C ASP A 115 -25.37 8.38 4.99
N TYR A 116 -24.68 9.24 4.22
CA TYR A 116 -24.74 9.20 2.77
C TYR A 116 -23.34 9.22 2.19
N TRP A 117 -23.14 8.48 1.10
CA TRP A 117 -21.84 8.29 0.49
C TRP A 117 -21.91 8.49 -1.02
N GLY A 118 -20.84 9.03 -1.60
CA GLY A 118 -20.65 8.99 -3.03
C GLY A 118 -20.35 7.57 -3.51
N GLN A 119 -20.28 7.43 -4.83
CA GLN A 119 -20.09 6.12 -5.45
C GLN A 119 -18.64 5.63 -5.41
N GLY A 120 -17.69 6.48 -5.04
CA GLY A 120 -16.29 6.12 -5.03
C GLY A 120 -15.58 6.37 -6.34
N THR A 121 -14.34 6.86 -6.25
CA THR A 121 -13.48 7.04 -7.42
C THR A 121 -12.18 6.32 -7.17
N LEU A 122 -11.85 5.35 -8.02
CA LEU A 122 -10.56 4.67 -7.91
C LEU A 122 -9.49 5.60 -8.46
N VAL A 123 -8.48 5.88 -7.64
CA VAL A 123 -7.40 6.79 -8.00
C VAL A 123 -6.12 5.97 -8.04
N THR A 124 -5.46 5.95 -9.20
CA THR A 124 -4.21 5.21 -9.37
C THR A 124 -3.09 6.22 -9.54
N VAL A 125 -2.05 6.12 -8.72
CA VAL A 125 -0.87 6.98 -8.83
C VAL A 125 0.17 6.21 -9.64
N SER A 126 0.42 6.67 -10.87
CA SER A 126 1.32 5.94 -11.76
C SER A 126 1.77 6.85 -12.90
N SER A 127 2.99 6.62 -13.37
CA SER A 127 3.50 7.37 -14.51
C SER A 127 3.10 6.77 -15.85
N ALA A 128 2.49 5.59 -15.85
CA ALA A 128 2.27 4.83 -17.07
C ALA A 128 1.14 5.45 -17.91
N SER A 129 1.17 5.14 -19.21
CA SER A 129 0.20 5.69 -20.15
C SER A 129 -1.13 4.93 -20.07
N THR A 130 -2.21 5.63 -20.41
CA THR A 130 -3.50 4.97 -20.53
C THR A 130 -3.50 4.10 -21.78
N LYS A 131 -4.20 2.98 -21.70
CA LYS A 131 -4.36 2.09 -22.84
C LYS A 131 -5.73 1.44 -22.75
N GLY A 132 -6.48 1.44 -23.85
CA GLY A 132 -7.76 0.80 -23.87
C GLY A 132 -7.64 -0.70 -24.16
N PRO A 133 -8.65 -1.46 -23.79
CA PRO A 133 -8.57 -2.92 -23.93
C PRO A 133 -8.85 -3.40 -25.35
N SER A 134 -8.32 -4.60 -25.63
CA SER A 134 -8.82 -5.46 -26.69
C SER A 134 -9.90 -6.37 -26.10
N VAL A 135 -10.93 -6.68 -26.89
CA VAL A 135 -12.04 -7.47 -26.39
C VAL A 135 -12.23 -8.67 -27.29
N PHE A 136 -12.15 -9.87 -26.71
CA PHE A 136 -12.18 -11.10 -27.48
C PHE A 136 -13.32 -12.00 -27.00
N PRO A 137 -13.97 -12.73 -27.91
CA PRO A 137 -15.08 -13.59 -27.49
C PRO A 137 -14.60 -14.83 -26.77
N LEU A 138 -15.37 -15.25 -25.78
CA LEU A 138 -15.26 -16.56 -25.16
C LEU A 138 -16.47 -17.34 -25.65
N ALA A 139 -16.27 -18.10 -26.74
CA ALA A 139 -17.42 -18.60 -27.50
C ALA A 139 -18.04 -19.83 -26.83
N PRO A 140 -19.36 -19.96 -26.88
CA PRO A 140 -20.00 -21.12 -26.26
C PRO A 140 -19.63 -22.41 -26.98
N SER A 141 -19.41 -23.46 -26.22
CA SER A 141 -18.95 -24.73 -26.78
C SER A 141 -20.05 -25.39 -27.60
N SER A 142 -19.65 -26.04 -28.68
CA SER A 142 -20.61 -26.71 -29.57
C SER A 142 -21.28 -27.91 -28.90
N THR A 149 -26.89 -24.30 -18.67
CA THR A 149 -26.23 -25.37 -19.41
C THR A 149 -25.10 -24.90 -20.34
N ALA A 150 -25.14 -23.66 -20.85
CA ALA A 150 -24.07 -23.15 -21.71
C ALA A 150 -23.43 -21.90 -21.12
N ALA A 151 -22.12 -21.75 -21.30
CA ALA A 151 -21.39 -20.58 -20.83
C ALA A 151 -20.72 -19.88 -21.99
N LEU A 152 -20.65 -18.54 -21.91
CA LEU A 152 -19.97 -17.75 -22.92
C LEU A 152 -19.47 -16.48 -22.24
N GLY A 153 -18.65 -15.71 -22.95
CA GLY A 153 -18.13 -14.53 -22.28
C GLY A 153 -17.31 -13.66 -23.19
N CYS A 154 -16.64 -12.68 -22.57
CA CYS A 154 -15.73 -11.78 -23.25
C CYS A 154 -14.45 -11.67 -22.43
N LEU A 155 -13.31 -11.79 -23.11
CA LEU A 155 -12.01 -11.53 -22.50
C LEU A 155 -11.62 -10.08 -22.78
N VAL A 156 -11.37 -9.31 -21.72
CA VAL A 156 -11.11 -7.88 -21.82
C VAL A 156 -9.65 -7.69 -21.42
N LYS A 157 -8.76 -7.54 -22.40
CA LYS A 157 -7.34 -7.76 -22.18
C LYS A 157 -6.51 -6.53 -22.50
N ASP A 158 -5.53 -6.26 -21.63
CA ASP A 158 -4.46 -5.29 -21.84
C ASP A 158 -4.95 -3.84 -21.80
N TYR A 159 -5.39 -3.39 -20.64
CA TYR A 159 -5.80 -2.00 -20.47
C TYR A 159 -5.13 -1.39 -19.24
N PHE A 160 -5.11 -0.05 -19.20
CA PHE A 160 -4.58 0.64 -18.04
C PHE A 160 -5.14 2.05 -18.03
N PRO A 161 -5.52 2.60 -16.86
CA PRO A 161 -5.62 1.98 -15.53
C PRO A 161 -6.96 1.30 -15.36
N GLU A 162 -7.20 0.76 -14.18
CA GLU A 162 -8.54 0.39 -13.79
C GLU A 162 -9.41 1.64 -13.70
N PRO A 163 -10.74 1.50 -13.80
CA PRO A 163 -11.53 0.28 -14.03
C PRO A 163 -12.09 0.19 -15.44
N VAL A 164 -12.67 -0.96 -15.77
CA VAL A 164 -13.55 -1.09 -16.93
C VAL A 164 -14.91 -1.49 -16.38
N THR A 165 -15.95 -1.17 -17.16
CA THR A 165 -17.26 -1.73 -16.90
C THR A 165 -17.66 -2.63 -18.05
N VAL A 166 -18.38 -3.70 -17.72
CA VAL A 166 -18.88 -4.64 -18.71
C VAL A 166 -20.38 -4.81 -18.46
N SER A 167 -21.18 -4.61 -19.49
CA SER A 167 -22.59 -4.99 -19.47
C SER A 167 -22.81 -6.04 -20.54
N TRP A 168 -23.98 -6.68 -20.48
CA TRP A 168 -24.40 -7.65 -21.48
C TRP A 168 -25.72 -7.20 -22.08
N ASN A 169 -25.78 -7.23 -23.42
CA ASN A 169 -26.97 -6.84 -24.15
C ASN A 169 -27.46 -5.47 -23.67
N SER A 170 -26.50 -4.56 -23.52
CA SER A 170 -26.73 -3.15 -23.16
C SER A 170 -27.36 -3.00 -21.79
N GLY A 171 -27.25 -4.01 -20.93
CA GLY A 171 -27.85 -3.96 -19.61
C GLY A 171 -29.08 -4.81 -19.46
N ALA A 172 -29.57 -5.42 -20.53
CA ALA A 172 -30.76 -6.26 -20.43
C ALA A 172 -30.45 -7.56 -19.70
N LEU A 173 -29.24 -8.08 -19.85
CA LEU A 173 -28.88 -9.40 -19.35
C LEU A 173 -28.04 -9.24 -18.08
N THR A 174 -28.59 -9.65 -16.94
CA THR A 174 -27.86 -9.52 -15.68
C THR A 174 -27.80 -10.86 -14.95
N SER A 175 -28.83 -11.68 -15.06
CA SER A 175 -28.85 -12.97 -14.37
C SER A 175 -27.75 -13.88 -14.91
N GLY A 176 -27.01 -14.50 -13.99
CA GLY A 176 -25.98 -15.43 -14.38
C GLY A 176 -24.67 -14.81 -14.84
N VAL A 177 -24.54 -13.48 -14.80
CA VAL A 177 -23.30 -12.81 -15.19
C VAL A 177 -22.30 -12.86 -14.05
N HIS A 178 -21.04 -13.14 -14.39
CA HIS A 178 -19.93 -13.00 -13.46
C HIS A 178 -18.83 -12.20 -14.15
N THR A 179 -18.55 -11.01 -13.65
CA THR A 179 -17.42 -10.24 -14.14
C THR A 179 -16.29 -10.31 -13.12
N PHE A 180 -15.18 -10.91 -13.52
CA PHE A 180 -14.14 -11.22 -12.55
C PHE A 180 -13.31 -9.98 -12.23
N PRO A 181 -12.77 -9.91 -11.01
CA PRO A 181 -11.79 -8.87 -10.70
C PRO A 181 -10.64 -8.92 -11.68
N ALA A 182 -10.16 -7.76 -12.09
CA ALA A 182 -9.03 -7.73 -13.00
C ALA A 182 -7.77 -8.23 -12.30
N VAL A 183 -6.84 -8.77 -13.08
CA VAL A 183 -5.51 -9.11 -12.60
C VAL A 183 -4.50 -8.25 -13.35
N LEU A 184 -3.45 -7.83 -12.65
CA LEU A 184 -2.36 -7.08 -13.26
C LEU A 184 -1.34 -8.06 -13.81
N GLN A 185 -1.13 -8.02 -15.13
CA GLN A 185 -0.22 -8.92 -15.83
C GLN A 185 1.22 -8.43 -15.73
N SER A 186 2.15 -9.28 -16.19
CA SER A 186 3.57 -8.93 -16.08
C SER A 186 3.93 -7.72 -16.91
N SER A 187 3.12 -7.39 -17.93
CA SER A 187 3.26 -6.20 -18.75
C SER A 187 2.90 -4.91 -18.03
N GLY A 188 2.32 -5.00 -16.84
CA GLY A 188 1.78 -3.82 -16.19
C GLY A 188 0.41 -3.39 -16.69
N LEU A 189 -0.24 -4.22 -17.50
CA LEU A 189 -1.58 -3.97 -18.02
C LEU A 189 -2.55 -4.95 -17.37
N TYR A 190 -3.79 -4.52 -17.19
CA TYR A 190 -4.82 -5.34 -16.57
C TYR A 190 -5.54 -6.22 -17.60
N SER A 191 -6.14 -7.29 -17.11
CA SER A 191 -6.96 -8.17 -17.91
C SER A 191 -8.07 -8.75 -17.03
N LEU A 192 -9.27 -8.91 -17.59
CA LEU A 192 -10.32 -9.62 -16.89
C LEU A 192 -11.20 -10.32 -17.92
N SER A 193 -12.06 -11.23 -17.43
CA SER A 193 -13.11 -11.82 -18.24
C SER A 193 -14.46 -11.56 -17.59
N SER A 194 -15.48 -11.47 -18.42
CA SER A 194 -16.86 -11.44 -17.98
C SER A 194 -17.59 -12.61 -18.63
N VAL A 195 -18.26 -13.44 -17.83
CA VAL A 195 -18.94 -14.62 -18.37
C VAL A 195 -20.40 -14.59 -17.98
N VAL A 196 -21.18 -15.41 -18.67
CA VAL A 196 -22.59 -15.57 -18.33
C VAL A 196 -23.00 -16.98 -18.73
N THR A 197 -23.86 -17.59 -17.93
CA THR A 197 -24.45 -18.86 -18.32
C THR A 197 -25.86 -18.61 -18.84
N VAL A 198 -26.19 -19.30 -19.92
CA VAL A 198 -27.46 -19.11 -20.62
C VAL A 198 -27.99 -20.47 -21.03
N PRO A 199 -29.30 -20.56 -21.32
CA PRO A 199 -29.84 -21.82 -21.84
C PRO A 199 -29.16 -22.23 -23.14
N SER A 200 -28.80 -23.51 -23.23
CA SER A 200 -28.21 -24.04 -24.46
C SER A 200 -29.15 -23.83 -25.65
N SER A 201 -30.46 -23.93 -25.42
CA SER A 201 -31.41 -23.80 -26.52
C SER A 201 -31.41 -22.40 -27.12
N SER A 202 -30.94 -21.39 -26.39
CA SER A 202 -30.96 -20.01 -26.88
C SER A 202 -29.82 -19.70 -27.85
N LEU A 203 -28.80 -20.56 -27.93
CA LEU A 203 -27.55 -20.16 -28.58
C LEU A 203 -27.71 -19.82 -30.05
N GLY A 204 -28.71 -20.36 -30.72
CA GLY A 204 -28.85 -20.08 -32.13
C GLY A 204 -29.64 -18.82 -32.42
N THR A 205 -30.56 -18.47 -31.52
CA THR A 205 -31.54 -17.44 -31.80
C THR A 205 -31.38 -16.19 -30.95
N GLN A 206 -30.76 -16.28 -29.77
CA GLN A 206 -30.58 -15.13 -28.91
C GLN A 206 -29.19 -14.56 -29.14
N THR A 207 -29.10 -13.26 -29.38
CA THR A 207 -27.81 -12.63 -29.57
C THR A 207 -27.23 -12.30 -28.21
N TYR A 208 -25.91 -12.39 -28.09
CA TYR A 208 -25.20 -12.05 -26.86
C TYR A 208 -24.08 -11.10 -27.23
N ILE A 209 -24.12 -9.90 -26.67
CA ILE A 209 -23.14 -8.85 -26.96
C ILE A 209 -22.61 -8.29 -25.65
N CYS A 210 -21.30 -8.27 -25.49
CA CYS A 210 -20.74 -7.64 -24.30
C CYS A 210 -20.35 -6.21 -24.65
N ASN A 211 -20.68 -5.30 -23.74
CA ASN A 211 -20.44 -3.87 -23.92
C ASN A 211 -19.37 -3.46 -22.93
N VAL A 212 -18.21 -3.08 -23.42
CA VAL A 212 -17.06 -2.78 -22.57
C VAL A 212 -16.79 -1.29 -22.66
N ASN A 213 -16.70 -0.63 -21.51
CA ASN A 213 -16.37 0.79 -21.44
C ASN A 213 -15.11 0.97 -20.61
N HIS A 214 -14.11 1.64 -21.18
CA HIS A 214 -12.89 1.98 -20.45
C HIS A 214 -12.78 3.49 -20.55
N LYS A 215 -13.31 4.19 -19.55
CA LYS A 215 -13.38 5.65 -19.63
C LYS A 215 -12.02 6.34 -19.71
N PRO A 216 -10.97 5.90 -19.01
CA PRO A 216 -9.69 6.64 -19.11
C PRO A 216 -9.14 6.75 -20.53
N SER A 217 -9.39 5.76 -21.39
CA SER A 217 -8.93 5.80 -22.77
C SER A 217 -10.02 6.22 -23.74
N ASN A 218 -11.21 6.57 -23.23
CA ASN A 218 -12.38 6.82 -24.09
C ASN A 218 -12.62 5.66 -25.05
N THR A 219 -12.53 4.45 -24.53
CA THR A 219 -12.76 3.23 -25.31
C THR A 219 -14.14 2.68 -24.99
N LYS A 220 -14.95 2.45 -26.03
CA LYS A 220 -16.20 1.71 -25.91
C LYS A 220 -16.20 0.63 -26.98
N VAL A 221 -16.39 -0.63 -26.59
CA VAL A 221 -16.36 -1.75 -27.53
C VAL A 221 -17.59 -2.62 -27.27
N ASP A 222 -18.30 -2.98 -28.34
CA ASP A 222 -19.33 -4.02 -28.31
C ASP A 222 -18.81 -5.22 -29.07
N LYS A 223 -18.86 -6.40 -28.46
CA LYS A 223 -18.41 -7.61 -29.12
C LYS A 223 -19.51 -8.64 -29.10
N LYS A 224 -19.94 -9.09 -30.28
CA LYS A 224 -20.94 -10.13 -30.36
C LYS A 224 -20.26 -11.47 -30.12
N VAL A 225 -20.86 -12.31 -29.30
CA VAL A 225 -20.27 -13.60 -28.94
C VAL A 225 -21.16 -14.68 -29.49
N GLU A 226 -20.63 -15.47 -30.40
CA GLU A 226 -21.43 -16.45 -31.12
C GLU A 226 -20.66 -17.76 -31.22
N PRO A 227 -21.38 -18.87 -31.43
CA PRO A 227 -20.69 -20.14 -31.66
C PRO A 227 -19.68 -20.01 -32.78
N LYS A 228 -18.51 -20.63 -32.57
CA LYS A 228 -17.46 -20.59 -33.58
C LYS A 228 -17.83 -21.48 -34.76
N SER A 229 -17.75 -20.92 -35.97
CA SER A 229 -18.17 -21.65 -37.17
C SER A 229 -17.25 -22.82 -37.45
N CYS A 230 -16.11 -22.55 -38.08
CA CYS A 230 -15.14 -23.57 -38.47
C CYS A 230 -13.93 -22.91 -39.14
N ALA B 1 -6.92 10.02 16.92
CA ALA B 1 -5.90 9.45 17.82
C ALA B 1 -6.36 8.13 18.42
N ILE B 2 -7.64 8.06 18.77
CA ILE B 2 -8.21 6.80 19.22
C ILE B 2 -7.91 5.69 18.21
N GLN B 3 -7.66 4.50 18.73
CA GLN B 3 -7.45 3.34 17.87
C GLN B 3 -8.52 2.30 18.17
N LEU B 4 -8.90 1.57 17.13
CA LEU B 4 -9.96 0.58 17.23
C LEU B 4 -9.45 -0.76 16.76
N THR B 5 -9.83 -1.83 17.46
CA THR B 5 -9.61 -3.18 16.98
C THR B 5 -10.95 -3.88 16.82
N GLN B 6 -10.96 -4.92 15.98
CA GLN B 6 -12.15 -5.73 15.78
C GLN B 6 -11.81 -7.21 15.86
N SER B 7 -12.74 -7.98 16.41
CA SER B 7 -12.58 -9.41 16.55
C SER B 7 -13.89 -10.10 16.24
N PRO B 8 -13.85 -11.21 15.50
CA PRO B 8 -12.68 -11.76 14.82
C PRO B 8 -12.37 -10.95 13.58
N SER B 9 -11.22 -11.15 12.94
CA SER B 9 -10.97 -10.43 11.69
C SER B 9 -11.78 -11.02 10.55
N SER B 10 -12.12 -12.29 10.63
CA SER B 10 -12.99 -12.92 9.64
C SER B 10 -13.71 -14.09 10.32
N LEU B 11 -14.84 -14.46 9.74
CA LEU B 11 -15.60 -15.58 10.27
C LEU B 11 -16.43 -16.17 9.15
N SER B 12 -16.77 -17.45 9.32
CA SER B 12 -17.62 -18.15 8.38
C SER B 12 -18.72 -18.82 9.20
N ALA B 13 -19.96 -18.49 8.90
CA ALA B 13 -21.08 -18.90 9.73
C ALA B 13 -22.23 -19.32 8.85
N SER B 14 -23.03 -20.28 9.33
CA SER B 14 -24.11 -20.77 8.48
C SER B 14 -25.33 -19.86 8.58
N VAL B 15 -26.16 -19.92 7.54
CA VAL B 15 -27.42 -19.21 7.56
C VAL B 15 -28.18 -19.61 8.80
N GLY B 16 -28.73 -18.63 9.51
CA GLY B 16 -29.41 -18.87 10.75
C GLY B 16 -28.56 -18.80 12.00
N ASP B 17 -27.23 -18.77 11.88
CA ASP B 17 -26.38 -18.65 13.06
C ASP B 17 -26.51 -17.27 13.70
N ARG B 18 -26.31 -17.24 15.02
CA ARG B 18 -26.12 -15.97 15.72
C ARG B 18 -24.65 -15.59 15.61
N VAL B 19 -24.40 -14.39 15.09
CA VAL B 19 -23.05 -13.89 14.83
C VAL B 19 -22.79 -12.69 15.75
N THR B 20 -21.67 -12.72 16.46
CA THR B 20 -21.26 -11.61 17.32
C THR B 20 -19.89 -11.12 16.90
N ILE B 21 -19.79 -9.81 16.67
CA ILE B 21 -18.55 -9.14 16.27
C ILE B 21 -18.26 -8.05 17.29
N THR B 22 -17.00 -7.93 17.71
CA THR B 22 -16.66 -6.97 18.75
C THR B 22 -15.77 -5.87 18.20
N CYS B 23 -15.90 -4.69 18.81
CA CYS B 23 -15.06 -3.53 18.53
C CYS B 23 -14.51 -3.05 19.87
N ARG B 24 -13.21 -2.83 19.94
CA ARG B 24 -12.55 -2.34 21.14
C ARG B 24 -11.85 -1.03 20.85
N ALA B 25 -12.04 -0.05 21.74
CA ALA B 25 -11.39 1.24 21.60
C ALA B 25 -10.20 1.33 22.54
N SER B 26 -9.18 2.09 22.12
CA SER B 26 -7.98 2.18 22.93
C SER B 26 -8.14 3.10 24.13
N GLN B 27 -9.17 3.95 24.14
CA GLN B 27 -9.45 4.84 25.25
C GLN B 27 -10.92 5.23 25.18
N ALA B 28 -11.47 5.68 26.32
CA ALA B 28 -12.84 6.19 26.31
C ALA B 28 -12.90 7.52 25.59
N THR B 29 -14.07 7.83 25.03
CA THR B 29 -14.28 9.09 24.32
C THR B 29 -15.69 9.62 24.58
N SER B 30 -15.91 10.83 24.08
CA SER B 30 -17.24 11.45 24.03
C SER B 30 -17.97 11.17 22.73
N SER B 31 -17.31 10.54 21.76
CA SER B 31 -17.94 10.24 20.48
C SER B 31 -18.83 9.01 20.61
N TYR B 32 -19.64 8.78 19.57
CA TYR B 32 -20.66 7.73 19.54
C TYR B 32 -20.28 6.69 18.50
N LEU B 33 -20.36 5.42 18.87
CA LEU B 33 -19.88 4.38 17.96
C LEU B 33 -20.89 4.11 16.85
N ALA B 34 -20.40 4.02 15.62
CA ALA B 34 -21.22 3.64 14.47
C ALA B 34 -20.72 2.33 13.88
N TRP B 35 -21.64 1.56 13.30
CA TRP B 35 -21.31 0.32 12.60
C TRP B 35 -21.71 0.44 11.15
N TYR B 36 -20.80 0.07 10.24
CA TYR B 36 -21.06 0.09 8.81
C TYR B 36 -20.94 -1.31 8.23
N GLN B 37 -21.67 -1.53 7.13
CA GLN B 37 -21.63 -2.77 6.37
C GLN B 37 -21.21 -2.45 4.95
N GLN B 38 -20.18 -3.13 4.44
CA GLN B 38 -19.72 -2.85 3.09
C GLN B 38 -19.77 -4.10 2.21
N LYS B 39 -20.52 -4.01 1.14
CA LYS B 39 -20.62 -5.09 0.17
C LYS B 39 -19.77 -4.77 -1.06
N PRO B 40 -19.45 -5.76 -1.89
CA PRO B 40 -18.45 -5.54 -2.95
C PRO B 40 -18.88 -4.51 -3.99
N GLY B 41 -17.94 -3.62 -4.32
CA GLY B 41 -18.17 -2.57 -5.29
C GLY B 41 -19.01 -1.42 -4.78
N LYS B 42 -19.29 -1.38 -3.49
CA LYS B 42 -20.21 -0.39 -2.94
C LYS B 42 -19.53 0.35 -1.80
N ALA B 43 -20.03 1.56 -1.53
CA ALA B 43 -19.61 2.30 -0.36
C ALA B 43 -20.09 1.60 0.92
N PRO B 44 -19.43 1.84 2.05
CA PRO B 44 -19.99 1.36 3.32
C PRO B 44 -21.37 1.96 3.53
N LYS B 45 -22.21 1.18 4.21
CA LYS B 45 -23.59 1.55 4.52
C LYS B 45 -23.75 1.62 6.03
N LEU B 46 -24.29 2.73 6.53
CA LEU B 46 -24.46 2.87 7.98
C LEU B 46 -25.58 1.95 8.45
N LEU B 47 -25.29 1.09 9.45
CA LEU B 47 -26.28 0.20 10.02
C LEU B 47 -26.78 0.66 11.38
N ILE B 48 -25.86 1.11 12.22
CA ILE B 48 -26.14 1.42 13.62
C ILE B 48 -25.34 2.66 13.99
N TYR B 49 -25.96 3.57 14.74
CA TYR B 49 -25.24 4.72 15.28
C TYR B 49 -25.61 4.88 16.76
N ALA B 50 -24.82 5.69 17.46
CA ALA B 50 -24.97 5.87 18.91
C ALA B 50 -24.96 4.52 19.61
N ALA B 51 -24.10 3.63 19.12
CA ALA B 51 -23.84 2.29 19.65
C ALA B 51 -25.01 1.31 19.46
N SER B 52 -26.26 1.78 19.60
CA SER B 52 -27.38 0.83 19.62
C SER B 52 -28.59 1.24 18.80
N THR B 53 -28.59 2.40 18.14
CA THR B 53 -29.76 2.83 17.38
C THR B 53 -29.67 2.32 15.95
N LEU B 54 -30.66 1.50 15.58
CA LEU B 54 -30.70 0.91 14.24
C LEU B 54 -31.14 1.94 13.22
N GLN B 55 -30.39 2.03 12.13
CA GLN B 55 -30.78 2.92 11.05
C GLN B 55 -32.11 2.49 10.45
N SER B 56 -32.93 3.46 10.07
CA SER B 56 -34.24 3.16 9.50
C SER B 56 -34.12 2.23 8.31
N GLY B 57 -34.95 1.17 8.29
CA GLY B 57 -34.97 0.21 7.21
C GLY B 57 -34.05 -0.98 7.37
N VAL B 58 -33.08 -0.90 8.27
CA VAL B 58 -32.17 -2.04 8.48
C VAL B 58 -32.93 -3.15 9.21
N PRO B 59 -32.83 -4.40 8.77
CA PRO B 59 -33.59 -5.47 9.44
C PRO B 59 -33.23 -5.59 10.90
N SER B 60 -34.24 -5.93 11.71
CA SER B 60 -34.09 -5.98 13.16
C SER B 60 -33.20 -7.11 13.63
N ARG B 61 -32.78 -8.02 12.74
CA ARG B 61 -31.81 -9.01 13.17
C ARG B 61 -30.45 -8.41 13.51
N PHE B 62 -30.20 -7.15 13.12
CA PHE B 62 -28.98 -6.42 13.50
C PHE B 62 -29.23 -5.65 14.78
N SER B 63 -28.29 -5.73 15.71
CA SER B 63 -28.38 -4.92 16.92
C SER B 63 -26.98 -4.61 17.40
N GLY B 64 -26.86 -3.54 18.17
CA GLY B 64 -25.58 -3.11 18.69
C GLY B 64 -25.68 -2.89 20.18
N SER B 65 -24.58 -3.17 20.87
CA SER B 65 -24.56 -2.98 22.31
C SER B 65 -23.15 -2.57 22.74
N GLY B 66 -23.01 -2.31 24.03
CA GLY B 66 -21.72 -2.04 24.61
C GLY B 66 -21.64 -0.65 25.21
N SER B 67 -20.50 -0.39 25.84
CA SER B 67 -20.23 0.86 26.54
C SER B 67 -18.75 0.91 26.84
N GLY B 68 -18.29 2.11 27.22
CA GLY B 68 -16.90 2.29 27.59
C GLY B 68 -15.97 2.12 26.42
N THR B 69 -15.20 1.04 26.41
CA THR B 69 -14.28 0.76 25.31
C THR B 69 -14.64 -0.51 24.55
N ASP B 70 -15.76 -1.16 24.86
CA ASP B 70 -16.06 -2.48 24.30
C ASP B 70 -17.47 -2.50 23.74
N PHE B 71 -17.59 -2.75 22.43
CA PHE B 71 -18.85 -2.67 21.74
C PHE B 71 -19.05 -3.92 20.89
N THR B 72 -20.32 -4.25 20.62
CA THR B 72 -20.64 -5.47 19.92
C THR B 72 -21.73 -5.21 18.89
N LEU B 73 -21.59 -5.88 17.74
CA LEU B 73 -22.63 -5.97 16.73
C LEU B 73 -23.10 -7.41 16.69
N THR B 74 -24.41 -7.62 16.84
CA THR B 74 -24.98 -8.96 16.82
C THR B 74 -25.94 -9.09 15.64
N ILE B 75 -25.81 -10.19 14.91
CA ILE B 75 -26.77 -10.59 13.88
C ILE B 75 -27.44 -11.86 14.39
N THR B 76 -28.75 -11.80 14.64
CA THR B 76 -29.39 -12.88 15.38
C THR B 76 -29.59 -14.13 14.54
N SER B 77 -29.75 -13.98 13.23
CA SER B 77 -29.97 -15.12 12.35
C SER B 77 -29.38 -14.74 10.99
N LEU B 78 -28.12 -15.14 10.78
CA LEU B 78 -27.37 -14.72 9.60
C LEU B 78 -28.08 -15.10 8.31
N GLN B 79 -28.17 -14.16 7.37
CA GLN B 79 -28.78 -14.42 6.08
C GLN B 79 -27.75 -14.37 4.95
N PRO B 80 -28.05 -15.00 3.80
CA PRO B 80 -27.07 -14.95 2.69
C PRO B 80 -26.68 -13.54 2.28
N GLU B 81 -27.62 -12.60 2.31
CA GLU B 81 -27.32 -11.22 1.91
C GLU B 81 -26.42 -10.52 2.90
N ASP B 82 -26.10 -11.13 4.04
CA ASP B 82 -25.30 -10.47 5.06
C ASP B 82 -23.80 -10.68 4.84
N PHE B 83 -23.42 -11.38 3.78
CA PHE B 83 -22.02 -11.39 3.35
C PHE B 83 -21.55 -9.97 3.15
N ALA B 84 -20.48 -9.60 3.84
CA ALA B 84 -20.01 -8.21 3.84
C ALA B 84 -18.80 -8.11 4.75
N THR B 85 -18.14 -6.96 4.69
CA THR B 85 -17.17 -6.56 5.70
C THR B 85 -17.83 -5.51 6.59
N TYR B 86 -17.75 -5.72 7.90
CA TYR B 86 -18.39 -4.84 8.88
C TYR B 86 -17.32 -4.03 9.59
N TYR B 87 -17.55 -2.72 9.71
CA TYR B 87 -16.58 -1.79 10.29
C TYR B 87 -17.22 -1.01 11.43
N CYS B 88 -16.48 -0.85 12.52
CA CYS B 88 -16.88 0.14 13.50
C CYS B 88 -16.15 1.45 13.23
N GLN B 89 -16.71 2.52 13.79
CA GLN B 89 -16.16 3.87 13.63
C GLN B 89 -16.37 4.63 14.92
N LEU B 90 -15.33 5.32 15.39
CA LEU B 90 -15.44 6.14 16.59
C LEU B 90 -14.63 7.42 16.34
N SER B 91 -15.28 8.56 16.54
CA SER B 91 -14.73 9.87 16.15
C SER B 91 -14.41 9.77 14.67
N LYS B 92 -13.16 9.93 14.24
CA LYS B 92 -12.84 9.85 12.82
C LYS B 92 -12.08 8.57 12.47
N THR B 93 -12.00 7.63 13.40
CA THR B 93 -11.24 6.39 13.19
C THR B 93 -12.16 5.24 12.85
N PHE B 94 -11.73 4.44 11.88
CA PHE B 94 -12.41 3.21 11.52
C PHE B 94 -11.62 2.02 12.05
N GLY B 95 -12.34 0.98 12.47
CA GLY B 95 -11.73 -0.29 12.78
C GLY B 95 -11.24 -0.98 11.52
N PRO B 96 -10.48 -2.06 11.71
CA PRO B 96 -9.88 -2.77 10.56
C PRO B 96 -10.85 -3.64 9.78
N GLY B 97 -12.06 -3.85 10.28
CA GLY B 97 -13.07 -4.62 9.58
C GLY B 97 -13.12 -6.07 10.03
N THR B 98 -14.32 -6.65 9.95
CA THR B 98 -14.52 -8.08 10.13
C THR B 98 -15.21 -8.61 8.88
N LYS B 99 -14.58 -9.56 8.21
CA LYS B 99 -15.14 -10.14 6.99
C LYS B 99 -16.04 -11.31 7.37
N VAL B 100 -17.33 -11.23 7.00
CA VAL B 100 -18.29 -12.29 7.28
C VAL B 100 -18.56 -13.06 6.00
N GLU B 101 -18.28 -14.36 6.00
CA GLU B 101 -18.59 -15.26 4.90
C GLU B 101 -19.69 -16.22 5.34
N ILE B 102 -20.58 -16.55 4.41
CA ILE B 102 -21.66 -17.51 4.66
C ILE B 102 -21.14 -18.92 4.40
N LYS B 103 -21.22 -19.77 5.42
CA LYS B 103 -20.90 -21.20 5.29
C LYS B 103 -22.14 -21.93 4.81
N ARG B 104 -22.03 -22.67 3.71
CA ARG B 104 -23.16 -23.40 3.16
C ARG B 104 -22.71 -24.81 2.79
N THR B 105 -23.64 -25.60 2.27
CA THR B 105 -23.29 -26.96 1.86
C THR B 105 -22.35 -26.91 0.67
N VAL B 106 -21.58 -28.00 0.51
CA VAL B 106 -20.68 -28.09 -0.61
C VAL B 106 -21.46 -28.01 -1.92
N ALA B 107 -20.89 -27.30 -2.89
CA ALA B 107 -21.45 -27.18 -4.23
C ALA B 107 -20.31 -27.36 -5.23
N ALA B 108 -20.46 -28.33 -6.14
CA ALA B 108 -19.44 -28.60 -7.13
C ALA B 108 -19.47 -27.54 -8.24
N PRO B 109 -18.30 -27.17 -8.77
CA PRO B 109 -18.28 -26.22 -9.88
C PRO B 109 -18.77 -26.86 -11.18
N SER B 110 -19.43 -26.05 -12.00
CA SER B 110 -19.62 -26.39 -13.40
C SER B 110 -18.42 -25.85 -14.14
N VAL B 111 -17.81 -26.67 -15.00
CA VAL B 111 -16.52 -26.36 -15.59
C VAL B 111 -16.67 -26.17 -17.09
N PHE B 112 -16.00 -25.15 -17.63
CA PHE B 112 -16.05 -24.80 -19.04
C PHE B 112 -14.66 -24.38 -19.49
N ILE B 113 -14.25 -24.78 -20.69
CA ILE B 113 -12.96 -24.35 -21.23
C ILE B 113 -13.22 -23.61 -22.54
N PHE B 114 -12.46 -22.54 -22.77
CA PHE B 114 -12.60 -21.69 -23.96
C PHE B 114 -11.27 -21.60 -24.69
N PRO B 115 -11.21 -21.97 -25.96
CA PRO B 115 -9.99 -21.78 -26.73
C PRO B 115 -9.77 -20.31 -27.02
N PRO B 116 -8.58 -19.92 -27.43
CA PRO B 116 -8.39 -18.52 -27.88
C PRO B 116 -9.19 -18.26 -29.13
N SER B 117 -9.61 -17.01 -29.28
CA SER B 117 -10.30 -16.62 -30.49
C SER B 117 -9.31 -16.47 -31.65
N ASP B 118 -9.81 -16.67 -32.87
CA ASP B 118 -8.98 -16.42 -34.05
C ASP B 118 -8.51 -14.97 -34.08
N GLU B 119 -9.36 -14.04 -33.63
CA GLU B 119 -8.98 -12.64 -33.61
C GLU B 119 -7.75 -12.41 -32.73
N GLN B 120 -7.71 -13.03 -31.56
CA GLN B 120 -6.56 -12.83 -30.70
C GLN B 120 -5.30 -13.47 -31.28
N LEU B 121 -5.45 -14.63 -31.95
CA LEU B 121 -4.27 -15.33 -32.45
C LEU B 121 -3.54 -14.51 -33.50
N LYS B 122 -4.28 -13.76 -34.33
CA LYS B 122 -3.64 -12.86 -35.28
C LYS B 122 -2.74 -11.87 -34.58
N SER B 123 -3.09 -11.46 -33.36
CA SER B 123 -2.28 -10.50 -32.61
C SER B 123 -1.00 -11.10 -32.04
N GLY B 124 -0.83 -12.43 -32.10
CA GLY B 124 0.39 -13.07 -31.66
C GLY B 124 0.35 -13.73 -30.30
N THR B 125 -0.80 -13.69 -29.61
CA THR B 125 -0.91 -14.24 -28.26
C THR B 125 -2.13 -15.16 -28.22
N ALA B 126 -2.07 -16.16 -27.34
CA ALA B 126 -3.17 -17.10 -27.11
C ALA B 126 -3.55 -17.12 -25.64
N SER B 127 -4.80 -16.76 -25.35
CA SER B 127 -5.36 -16.91 -24.01
C SER B 127 -6.35 -18.07 -24.01
N VAL B 128 -6.12 -19.05 -23.13
CA VAL B 128 -7.04 -20.16 -22.92
C VAL B 128 -7.67 -19.95 -21.55
N VAL B 129 -8.99 -20.02 -21.46
CA VAL B 129 -9.69 -19.68 -20.23
C VAL B 129 -10.46 -20.89 -19.74
N CYS B 130 -10.31 -21.19 -18.46
CA CYS B 130 -11.09 -22.22 -17.79
C CYS B 130 -11.98 -21.57 -16.74
N LEU B 131 -13.27 -21.87 -16.79
CA LEU B 131 -14.25 -21.28 -15.89
C LEU B 131 -14.80 -22.33 -14.94
N LEU B 132 -14.77 -22.02 -13.64
CA LEU B 132 -15.37 -22.82 -12.58
C LEU B 132 -16.53 -22.01 -12.04
N ASN B 133 -17.75 -22.46 -12.27
CA ASN B 133 -18.92 -21.64 -12.01
C ASN B 133 -19.71 -22.15 -10.80
N ASN B 134 -20.00 -21.23 -9.86
CA ASN B 134 -20.99 -21.39 -8.79
C ASN B 134 -20.68 -22.58 -7.89
N PHE B 135 -19.58 -22.48 -7.14
CA PHE B 135 -19.13 -23.57 -6.28
C PHE B 135 -18.92 -23.08 -4.86
N TYR B 136 -18.77 -24.03 -3.93
CA TYR B 136 -18.51 -23.72 -2.54
C TYR B 136 -17.87 -24.95 -1.92
N PRO B 137 -16.79 -24.82 -1.12
CA PRO B 137 -16.11 -23.60 -0.65
C PRO B 137 -15.21 -22.99 -1.71
N ARG B 138 -14.59 -21.86 -1.35
CA ARG B 138 -13.81 -21.08 -2.31
C ARG B 138 -12.57 -21.82 -2.77
N GLU B 139 -11.99 -22.67 -1.92
CA GLU B 139 -10.78 -23.41 -2.27
C GLU B 139 -11.01 -24.35 -3.45
N ALA B 140 -10.11 -24.28 -4.42
CA ALA B 140 -10.21 -25.11 -5.61
C ALA B 140 -8.83 -25.27 -6.22
N LYS B 141 -8.59 -26.40 -6.86
CA LYS B 141 -7.31 -26.67 -7.50
C LYS B 141 -7.55 -26.82 -8.99
N VAL B 142 -6.94 -25.93 -9.78
CA VAL B 142 -7.05 -25.94 -11.23
C VAL B 142 -5.65 -26.17 -11.78
N GLN B 143 -5.51 -27.20 -12.61
CA GLN B 143 -4.24 -27.54 -13.25
C GLN B 143 -4.41 -27.50 -14.76
N TRP B 144 -3.49 -26.84 -15.44
CA TRP B 144 -3.46 -26.83 -16.89
C TRP B 144 -2.53 -27.93 -17.39
N LYS B 145 -3.02 -28.75 -18.31
CA LYS B 145 -2.19 -29.75 -18.95
C LYS B 145 -2.24 -29.53 -20.46
N VAL B 146 -1.05 -29.42 -21.05
CA VAL B 146 -0.89 -29.18 -22.48
C VAL B 146 -0.17 -30.41 -23.01
N ASP B 147 -0.85 -31.20 -23.84
CA ASP B 147 -0.35 -32.50 -24.27
C ASP B 147 0.06 -33.33 -23.06
N ASN B 148 -0.79 -33.28 -22.03
CA ASN B 148 -0.64 -33.95 -20.74
C ASN B 148 0.58 -33.50 -19.96
N ALA B 149 1.23 -32.40 -20.37
CA ALA B 149 2.35 -31.84 -19.63
C ALA B 149 1.86 -30.75 -18.69
N LEU B 150 2.07 -30.96 -17.38
CA LEU B 150 1.62 -29.99 -16.38
C LEU B 150 2.23 -28.62 -16.63
N GLN B 151 1.40 -27.60 -16.64
CA GLN B 151 1.85 -26.23 -16.83
C GLN B 151 2.11 -25.56 -15.49
N SER B 152 3.11 -24.69 -15.46
CA SER B 152 3.45 -23.92 -14.28
C SER B 152 3.96 -22.56 -14.70
N GLY B 153 3.55 -21.52 -13.97
CA GLY B 153 4.06 -20.18 -14.16
C GLY B 153 3.50 -19.40 -15.32
N ASN B 154 2.53 -19.94 -16.08
CA ASN B 154 1.98 -19.22 -17.21
C ASN B 154 0.47 -19.03 -17.10
N SER B 155 -0.08 -19.06 -15.88
CA SER B 155 -1.52 -18.87 -15.70
C SER B 155 -1.79 -17.98 -14.50
N GLN B 156 -2.97 -17.36 -14.51
CA GLN B 156 -3.41 -16.45 -13.45
C GLN B 156 -4.87 -16.75 -13.12
N GLU B 157 -5.21 -16.76 -11.84
CA GLU B 157 -6.57 -17.00 -11.39
C GLU B 157 -7.21 -15.72 -10.88
N SER B 158 -8.52 -15.67 -11.01
CA SER B 158 -9.34 -14.61 -10.43
C SER B 158 -10.59 -15.24 -9.86
N VAL B 159 -11.09 -14.71 -8.75
CA VAL B 159 -12.24 -15.30 -8.07
C VAL B 159 -13.24 -14.20 -7.76
N THR B 160 -14.52 -14.49 -7.98
CA THR B 160 -15.56 -13.52 -7.64
C THR B 160 -15.74 -13.46 -6.13
N GLU B 161 -16.41 -12.41 -5.69
CA GLU B 161 -16.84 -12.32 -4.30
C GLU B 161 -18.03 -13.25 -4.09
N GLN B 162 -18.24 -13.67 -2.85
CA GLN B 162 -19.35 -14.58 -2.56
C GLN B 162 -20.68 -14.01 -3.02
N ASP B 163 -21.49 -14.86 -3.66
CA ASP B 163 -22.80 -14.42 -4.17
C ASP B 163 -23.76 -14.17 -3.03
N SER B 164 -24.48 -13.05 -3.09
CA SER B 164 -25.36 -12.65 -1.99
C SER B 164 -26.65 -13.45 -1.91
N LYS B 165 -26.95 -14.27 -2.92
CA LYS B 165 -28.17 -15.07 -2.93
C LYS B 165 -27.92 -16.54 -2.66
N ASP B 166 -26.94 -17.15 -3.35
CA ASP B 166 -26.69 -18.59 -3.21
C ASP B 166 -25.36 -18.91 -2.54
N SER B 167 -24.58 -17.89 -2.15
CA SER B 167 -23.39 -18.02 -1.32
C SER B 167 -22.28 -18.82 -2.01
N THR B 168 -22.26 -18.83 -3.34
CA THR B 168 -21.22 -19.53 -4.09
C THR B 168 -20.17 -18.55 -4.61
N TYR B 169 -19.09 -19.13 -5.12
CA TYR B 169 -18.00 -18.42 -5.79
C TYR B 169 -17.91 -18.91 -7.22
N SER B 170 -17.30 -18.09 -8.07
CA SER B 170 -16.87 -18.55 -9.38
C SER B 170 -15.39 -18.17 -9.55
N LEU B 171 -14.71 -18.89 -10.44
CA LEU B 171 -13.27 -18.72 -10.61
C LEU B 171 -12.91 -18.85 -12.08
N SER B 172 -11.96 -18.04 -12.52
CA SER B 172 -11.39 -18.16 -13.85
C SER B 172 -9.90 -18.45 -13.72
N SER B 173 -9.39 -19.32 -14.59
CA SER B 173 -7.97 -19.52 -14.74
C SER B 173 -7.64 -19.30 -16.21
N THR B 174 -6.65 -18.44 -16.46
CA THR B 174 -6.30 -18.02 -17.82
C THR B 174 -4.86 -18.43 -18.10
N LEU B 175 -4.68 -19.30 -19.07
CA LEU B 175 -3.37 -19.75 -19.52
C LEU B 175 -2.96 -18.86 -20.69
N THR B 176 -1.77 -18.26 -20.60
CA THR B 176 -1.32 -17.34 -21.65
C THR B 176 -0.06 -17.89 -22.31
N LEU B 177 -0.11 -18.07 -23.63
CA LEU B 177 1.04 -18.51 -24.40
C LEU B 177 1.21 -17.59 -25.60
N SER B 178 2.44 -17.52 -26.10
CA SER B 178 2.63 -16.92 -27.41
C SER B 178 1.90 -17.74 -28.47
N LYS B 179 1.54 -17.09 -29.56
CA LYS B 179 0.93 -17.81 -30.68
C LYS B 179 1.82 -18.95 -31.15
N ALA B 180 3.14 -18.72 -31.20
CA ALA B 180 4.05 -19.79 -31.61
C ALA B 180 3.97 -20.98 -30.66
N ASP B 181 4.04 -20.72 -29.35
CA ASP B 181 3.99 -21.81 -28.38
C ASP B 181 2.64 -22.52 -28.43
N TYR B 182 1.55 -21.77 -28.60
CA TYR B 182 0.24 -22.38 -28.67
C TYR B 182 0.14 -23.32 -29.87
N GLU B 183 0.79 -22.98 -30.98
CA GLU B 183 0.71 -23.77 -32.21
C GLU B 183 1.58 -25.02 -32.18
N LYS B 184 2.44 -25.18 -31.18
CA LYS B 184 3.30 -26.36 -31.07
C LYS B 184 2.68 -27.48 -30.23
N HIS B 185 1.40 -27.38 -29.92
CA HIS B 185 0.75 -28.36 -29.06
C HIS B 185 -0.67 -28.59 -29.55
N LYS B 186 -1.24 -29.73 -29.17
CA LYS B 186 -2.55 -30.11 -29.66
C LYS B 186 -3.63 -30.13 -28.57
N VAL B 187 -3.36 -30.74 -27.42
CA VAL B 187 -4.40 -31.02 -26.43
C VAL B 187 -4.27 -30.01 -25.31
N TYR B 188 -5.32 -29.22 -25.10
CA TYR B 188 -5.37 -28.23 -24.05
C TYR B 188 -6.44 -28.64 -23.04
N ALA B 189 -6.04 -28.79 -21.78
CA ALA B 189 -6.94 -29.38 -20.81
C ALA B 189 -6.87 -28.63 -19.48
N CYS B 190 -8.04 -28.44 -18.90
CA CYS B 190 -8.18 -27.84 -17.57
C CYS B 190 -8.73 -28.93 -16.66
N GLU B 191 -7.97 -29.27 -15.61
CA GLU B 191 -8.35 -30.33 -14.68
C GLU B 191 -8.69 -29.71 -13.33
N VAL B 192 -9.89 -29.97 -12.84
CA VAL B 192 -10.42 -29.28 -11.67
C VAL B 192 -10.61 -30.28 -10.54
N THR B 193 -10.00 -29.96 -9.39
CA THR B 193 -10.16 -30.74 -8.16
C THR B 193 -10.87 -29.84 -7.15
N HIS B 194 -11.95 -30.35 -6.56
CA HIS B 194 -12.72 -29.52 -5.64
C HIS B 194 -13.47 -30.43 -4.68
N GLN B 195 -13.77 -29.90 -3.48
CA GLN B 195 -14.40 -30.69 -2.42
C GLN B 195 -15.75 -31.24 -2.86
N GLY B 196 -16.46 -30.53 -3.74
CA GLY B 196 -17.74 -30.98 -4.24
C GLY B 196 -17.70 -32.09 -5.27
N LEU B 197 -16.52 -32.47 -5.73
CA LEU B 197 -16.33 -33.46 -6.78
C LEU B 197 -15.67 -34.69 -6.19
N SER B 198 -16.25 -35.86 -6.44
CA SER B 198 -15.66 -37.09 -5.89
C SER B 198 -14.38 -37.47 -6.61
N SER B 199 -14.19 -36.99 -7.83
CA SER B 199 -12.98 -37.20 -8.61
C SER B 199 -12.83 -36.01 -9.55
N PRO B 200 -11.62 -35.74 -10.04
CA PRO B 200 -11.41 -34.50 -10.80
C PRO B 200 -12.17 -34.47 -12.12
N VAL B 201 -12.59 -33.27 -12.50
CA VAL B 201 -13.26 -33.02 -13.76
C VAL B 201 -12.24 -32.41 -14.71
N THR B 202 -12.16 -32.93 -15.93
CA THR B 202 -11.30 -32.38 -16.97
C THR B 202 -12.15 -31.92 -18.13
N LYS B 203 -11.89 -30.70 -18.59
CA LYS B 203 -12.48 -30.19 -19.82
C LYS B 203 -11.34 -29.87 -20.77
N SER B 204 -11.50 -30.25 -22.03
CA SER B 204 -10.38 -30.13 -22.94
C SER B 204 -10.87 -29.86 -24.35
N PHE B 205 -9.95 -29.42 -25.20
CA PHE B 205 -10.20 -29.30 -26.62
C PHE B 205 -8.91 -29.62 -27.36
N ASN B 206 -9.05 -29.93 -28.65
CA ASN B 206 -7.92 -30.18 -29.53
C ASN B 206 -7.80 -28.97 -30.45
N ARG B 207 -6.63 -28.33 -30.42
CA ARG B 207 -6.42 -27.12 -31.20
C ARG B 207 -6.72 -27.39 -32.67
N GLY B 208 -7.61 -26.58 -33.25
CA GLY B 208 -8.04 -26.76 -34.61
C GLY B 208 -9.27 -27.62 -34.80
N GLU B 209 -9.65 -28.39 -33.79
CA GLU B 209 -10.84 -29.23 -33.86
C GLU B 209 -12.09 -28.45 -33.48
N GLN C 1 26.97 -13.78 17.87
CA GLN C 1 27.72 -13.95 16.63
C GLN C 1 26.84 -14.52 15.55
N VAL C 2 25.54 -14.55 15.79
CA VAL C 2 24.59 -14.93 14.77
C VAL C 2 24.44 -13.76 13.80
N GLN C 3 24.62 -14.02 12.51
CA GLN C 3 24.47 -13.02 11.47
C GLN C 3 23.63 -13.58 10.34
N LEU C 4 22.70 -12.76 9.83
CA LEU C 4 21.79 -13.14 8.76
C LEU C 4 22.06 -12.21 7.57
N GLN C 5 22.34 -12.79 6.40
CA GLN C 5 22.71 -12.03 5.21
C GLN C 5 21.70 -12.33 4.10
N GLN C 6 20.98 -11.31 3.65
CA GLN C 6 19.94 -11.50 2.65
C GLN C 6 20.45 -11.23 1.25
N SER C 7 19.84 -11.90 0.27
CA SER C 7 20.16 -11.67 -1.14
C SER C 7 18.93 -12.01 -1.97
N GLY C 8 18.98 -11.65 -3.24
CA GLY C 8 17.83 -11.78 -4.11
C GLY C 8 17.39 -10.45 -4.66
N PRO C 9 16.86 -10.46 -5.88
CA PRO C 9 16.47 -9.19 -6.52
C PRO C 9 15.23 -8.62 -5.87
N GLY C 10 15.12 -7.30 -5.94
CA GLY C 10 14.02 -6.57 -5.34
C GLY C 10 12.91 -6.28 -6.32
N LEU C 11 13.24 -6.17 -7.60
CA LEU C 11 12.23 -5.91 -8.62
C LEU C 11 11.58 -7.22 -9.09
N VAL C 12 10.25 -7.30 -9.02
CA VAL C 12 9.48 -8.46 -9.49
C VAL C 12 8.32 -7.96 -10.34
N LYS C 13 8.11 -8.57 -11.50
CA LYS C 13 6.99 -8.15 -12.32
C LYS C 13 5.67 -8.67 -11.75
N PRO C 14 4.58 -7.92 -11.90
CA PRO C 14 3.28 -8.41 -11.42
C PRO C 14 2.98 -9.79 -11.97
N SER C 15 2.41 -10.65 -11.12
CA SER C 15 2.02 -12.03 -11.37
C SER C 15 3.21 -12.99 -11.31
N GLN C 16 4.45 -12.52 -11.21
CA GLN C 16 5.62 -13.37 -11.23
C GLN C 16 6.04 -13.66 -9.79
N THR C 17 7.19 -14.32 -9.60
CA THR C 17 7.57 -14.88 -8.30
C THR C 17 8.70 -14.10 -7.66
N LEU C 18 8.51 -13.70 -6.40
CA LEU C 18 9.57 -13.12 -5.59
C LEU C 18 10.38 -14.25 -4.97
N SER C 19 11.71 -14.19 -5.08
CA SER C 19 12.59 -15.17 -4.46
C SER C 19 13.69 -14.46 -3.70
N LEU C 20 13.82 -14.78 -2.41
CA LEU C 20 14.86 -14.22 -1.56
C LEU C 20 15.54 -15.34 -0.79
N THR C 21 16.79 -15.10 -0.40
CA THR C 21 17.58 -16.07 0.34
C THR C 21 18.13 -15.39 1.59
N CYS C 22 18.22 -16.15 2.68
CA CYS C 22 18.80 -15.68 3.92
C CYS C 22 19.93 -16.63 4.29
N GLY C 23 21.16 -16.12 4.36
CA GLY C 23 22.32 -16.91 4.73
C GLY C 23 22.63 -16.73 6.22
N ILE C 24 22.82 -17.84 6.90
CA ILE C 24 23.04 -17.86 8.35
C ILE C 24 24.51 -18.09 8.64
N SER C 25 25.04 -17.34 9.60
CA SER C 25 26.37 -17.58 10.17
C SER C 25 26.21 -17.59 11.68
N GLY C 26 26.96 -18.47 12.36
CA GLY C 26 26.91 -18.48 13.82
C GLY C 26 25.85 -19.35 14.43
N ASP C 27 25.08 -20.07 13.63
CA ASP C 27 24.05 -20.99 14.09
C ASP C 27 23.75 -21.92 12.94
N SER C 28 22.94 -22.94 13.20
CA SER C 28 22.56 -23.90 12.17
C SER C 28 21.09 -23.71 11.81
N VAL C 29 20.80 -23.76 10.51
CA VAL C 29 19.41 -23.69 10.06
C VAL C 29 18.59 -24.86 10.60
N SER C 30 19.25 -25.98 10.94
CA SER C 30 18.60 -27.16 11.48
C SER C 30 18.50 -27.14 13.01
N SER C 31 18.85 -26.03 13.65
CA SER C 31 18.90 -25.99 15.12
C SER C 31 17.56 -26.35 15.74
N ASP C 32 17.60 -27.21 16.77
CA ASP C 32 16.36 -27.54 17.47
C ASP C 32 15.94 -26.47 18.48
N ALA C 33 16.71 -25.39 18.60
CA ALA C 33 16.43 -24.34 19.58
C ALA C 33 15.96 -23.04 18.93
N ALA C 34 15.68 -23.04 17.64
CA ALA C 34 15.23 -21.82 16.97
C ALA C 34 14.26 -22.16 15.86
N ALA C 35 13.60 -21.13 15.35
CA ALA C 35 12.89 -21.19 14.09
C ALA C 35 13.36 -20.02 13.23
N TRP C 36 13.08 -20.12 11.93
CA TRP C 36 13.61 -19.19 10.95
C TRP C 36 12.45 -18.57 10.18
N ASP C 37 12.27 -17.26 10.35
CA ASP C 37 11.06 -16.55 9.95
C ASP C 37 11.35 -15.58 8.81
N TRP C 38 10.31 -15.29 8.05
CA TRP C 38 10.30 -14.15 7.13
C TRP C 38 9.22 -13.19 7.57
N ILE C 39 9.54 -11.90 7.53
CA ILE C 39 8.66 -10.84 8.00
C ILE C 39 8.77 -9.71 6.97
N ARG C 40 7.68 -9.01 6.71
CA ARG C 40 7.78 -7.87 5.80
C ARG C 40 7.24 -6.61 6.47
N GLN C 41 7.62 -5.46 5.90
CA GLN C 41 7.22 -4.19 6.47
C GLN C 41 6.92 -3.20 5.35
N SER C 42 5.84 -2.45 5.51
CA SER C 42 5.50 -1.41 4.54
C SER C 42 4.95 -0.23 5.30
N PRO C 43 5.02 0.97 4.73
CA PRO C 43 4.45 2.14 5.43
C PRO C 43 2.98 1.98 5.72
N SER C 44 2.24 1.31 4.83
CA SER C 44 0.80 1.17 4.99
C SER C 44 0.43 0.10 6.01
N ARG C 45 1.05 -1.09 5.91
CA ARG C 45 0.62 -2.24 6.71
C ARG C 45 1.49 -2.52 7.92
N GLY C 46 2.58 -1.78 8.12
CA GLY C 46 3.42 -2.03 9.28
C GLY C 46 4.15 -3.35 9.14
N LEU C 47 4.48 -3.97 10.29
CA LEU C 47 5.24 -5.21 10.30
C LEU C 47 4.29 -6.41 10.27
N GLU C 48 4.52 -7.33 9.35
CA GLU C 48 3.66 -8.49 9.16
C GLU C 48 4.49 -9.77 9.06
N TRP C 49 4.20 -10.74 9.93
CA TRP C 49 4.86 -12.03 9.86
C TRP C 49 4.31 -12.84 8.67
N LEU C 50 5.21 -13.46 7.91
CA LEU C 50 4.83 -14.23 6.72
C LEU C 50 4.85 -15.73 6.96
N GLY C 51 5.89 -16.24 7.60
CA GLY C 51 5.97 -17.69 7.74
C GLY C 51 7.30 -18.08 8.35
N ARG C 52 7.46 -19.39 8.54
CA ARG C 52 8.65 -19.89 9.21
C ARG C 52 8.88 -21.34 8.82
N THR C 53 10.13 -21.76 8.93
CA THR C 53 10.49 -23.17 8.84
C THR C 53 11.39 -23.49 10.03
N PHE C 54 11.38 -24.75 10.43
CA PHE C 54 12.24 -25.18 11.53
C PHE C 54 12.31 -26.71 11.49
N TYR C 55 13.35 -27.24 12.11
CA TYR C 55 13.61 -28.68 12.10
C TYR C 55 13.52 -29.23 13.52
N ARG C 56 12.73 -30.30 13.69
CA ARG C 56 12.71 -30.99 14.97
C ARG C 56 13.05 -32.46 14.76
N SER C 57 12.03 -33.28 14.53
CA SER C 57 12.21 -34.61 13.99
C SER C 57 12.14 -34.63 12.48
N ARG C 58 11.54 -33.60 11.89
CA ARG C 58 11.45 -33.40 10.45
C ARG C 58 11.38 -31.90 10.21
N TRP C 59 11.36 -31.49 8.94
CA TRP C 59 11.19 -30.08 8.61
C TRP C 59 9.73 -29.71 8.72
N HIS C 60 9.47 -28.59 9.40
CA HIS C 60 8.12 -28.07 9.58
C HIS C 60 7.98 -26.74 8.85
N HIS C 61 6.76 -26.43 8.43
CA HIS C 61 6.46 -25.16 7.77
C HIS C 61 5.20 -24.58 8.39
N ASP C 62 5.24 -23.28 8.70
CA ASP C 62 4.11 -22.58 9.30
C ASP C 62 3.94 -21.25 8.57
N TYR C 63 2.79 -21.02 7.94
CA TYR C 63 2.60 -19.87 7.07
C TYR C 63 1.44 -19.00 7.53
N SER C 64 1.54 -17.70 7.30
CA SER C 64 0.46 -16.80 7.69
C SER C 64 -0.71 -16.93 6.72
N GLU C 65 -1.91 -16.74 7.25
CA GLU C 65 -3.11 -16.78 6.42
C GLU C 65 -3.08 -15.73 5.33
N SER C 66 -2.43 -14.59 5.58
CA SER C 66 -2.44 -13.47 4.65
C SER C 66 -1.78 -13.80 3.31
N VAL C 67 -0.96 -14.85 3.24
CA VAL C 67 -0.27 -15.19 2.00
C VAL C 67 -0.57 -16.65 1.69
N LYS C 68 -1.76 -17.10 2.08
CA LYS C 68 -2.17 -18.47 1.87
C LYS C 68 -2.01 -18.86 0.40
N ASN C 69 -1.38 -20.01 0.18
CA ASN C 69 -1.27 -20.68 -1.10
C ASN C 69 -0.30 -20.01 -2.05
N ARG C 70 0.46 -19.00 -1.58
CA ARG C 70 1.44 -18.32 -2.41
C ARG C 70 2.86 -18.41 -1.88
N ILE C 71 3.08 -18.96 -0.69
CA ILE C 71 4.37 -18.84 0.00
C ILE C 71 5.00 -20.22 0.16
N THR C 72 6.32 -20.26 -0.06
CA THR C 72 7.15 -21.42 0.24
C THR C 72 8.40 -20.92 0.96
N ILE C 73 8.74 -21.57 2.07
CA ILE C 73 9.97 -21.29 2.80
C ILE C 73 10.69 -22.62 2.99
N ASN C 74 11.86 -22.77 2.37
CA ASN C 74 12.63 -24.02 2.47
C ASN C 74 14.04 -23.75 2.98
N ALA C 75 14.58 -24.72 3.70
CA ALA C 75 15.95 -24.65 4.20
C ALA C 75 16.88 -25.42 3.28
N ASP C 76 18.12 -24.92 3.18
CA ASP C 76 19.20 -25.55 2.43
C ASP C 76 20.28 -25.90 3.45
N THR C 77 20.41 -27.18 3.79
CA THR C 77 21.38 -27.57 4.82
C THR C 77 22.79 -27.73 4.26
N SER C 78 22.98 -27.55 2.97
CA SER C 78 24.32 -27.55 2.40
C SER C 78 24.96 -26.17 2.45
N LYS C 79 24.15 -25.11 2.29
CA LYS C 79 24.62 -23.74 2.29
C LYS C 79 24.26 -22.99 3.57
N ASN C 80 23.55 -23.64 4.50
CA ASN C 80 23.06 -23.01 5.74
C ASN C 80 22.26 -21.75 5.44
N GLN C 81 21.26 -21.91 4.57
CA GLN C 81 20.40 -20.83 4.13
C GLN C 81 18.94 -21.26 4.25
N PHE C 82 18.06 -20.27 4.29
CA PHE C 82 16.65 -20.56 4.05
C PHE C 82 16.10 -19.50 3.12
N SER C 83 15.09 -19.88 2.35
CA SER C 83 14.65 -19.03 1.26
C SER C 83 13.18 -18.67 1.42
N LEU C 84 12.76 -17.63 0.71
CA LEU C 84 11.36 -17.25 0.62
C LEU C 84 10.98 -17.22 -0.86
N GLN C 85 9.87 -17.87 -1.20
CA GLN C 85 9.28 -17.80 -2.53
C GLN C 85 7.83 -17.37 -2.38
N LEU C 86 7.44 -16.31 -3.06
CA LEU C 86 6.08 -15.78 -3.00
C LEU C 86 5.58 -15.67 -4.43
N THR C 87 4.58 -16.47 -4.78
CA THR C 87 4.16 -16.48 -6.17
C THR C 87 3.05 -15.46 -6.41
N SER C 88 2.78 -15.21 -7.69
CA SER C 88 1.65 -14.40 -8.15
C SER C 88 1.59 -13.05 -7.43
N VAL C 89 2.72 -12.33 -7.41
CA VAL C 89 2.77 -11.11 -6.62
C VAL C 89 1.91 -10.04 -7.28
N THR C 90 1.43 -9.12 -6.46
CA THR C 90 0.70 -7.93 -6.87
C THR C 90 1.35 -6.72 -6.24
N PRO C 91 0.96 -5.51 -6.62
CA PRO C 91 1.53 -4.32 -5.97
C PRO C 91 1.37 -4.32 -4.46
N GLU C 92 0.43 -5.10 -3.91
CA GLU C 92 0.26 -5.16 -2.46
C GLU C 92 1.44 -5.85 -1.78
N ASP C 93 2.26 -6.56 -2.54
CA ASP C 93 3.42 -7.27 -1.99
C ASP C 93 4.69 -6.41 -1.98
N THR C 94 4.63 -5.20 -2.53
CA THR C 94 5.76 -4.28 -2.43
C THR C 94 6.00 -3.96 -0.96
N ALA C 95 7.21 -4.27 -0.48
CA ALA C 95 7.52 -4.10 0.94
C ALA C 95 9.02 -4.34 1.13
N THR C 96 9.51 -4.05 2.33
CA THR C 96 10.84 -4.47 2.73
C THR C 96 10.72 -5.82 3.44
N TYR C 97 11.46 -6.82 2.96
CA TYR C 97 11.35 -8.18 3.47
C TYR C 97 12.55 -8.47 4.36
N TYR C 98 12.29 -9.02 5.55
CA TYR C 98 13.34 -9.37 6.51
C TYR C 98 13.34 -10.87 6.79
N CYS C 99 14.51 -11.48 6.86
CA CYS C 99 14.59 -12.75 7.55
C CYS C 99 14.95 -12.51 9.01
N ALA C 100 14.60 -13.47 9.86
CA ALA C 100 14.91 -13.30 11.28
C ALA C 100 14.97 -14.65 11.96
N ARG C 101 15.67 -14.68 13.09
CA ARG C 101 15.73 -15.89 13.93
C ARG C 101 14.77 -15.72 15.09
N ALA C 102 13.84 -16.66 15.23
CA ALA C 102 13.02 -16.76 16.44
C ALA C 102 13.74 -17.71 17.38
N GLY C 103 14.67 -17.15 18.14
CA GLY C 103 15.55 -17.95 18.97
C GLY C 103 15.35 -17.70 20.44
N VAL C 104 14.35 -16.87 20.74
CA VAL C 104 14.01 -16.53 22.12
C VAL C 104 13.01 -17.55 22.63
N ARG C 105 13.38 -18.23 23.71
CA ARG C 105 12.59 -19.29 24.29
C ARG C 105 12.34 -19.00 25.75
N VAL C 106 11.19 -19.45 26.25
CA VAL C 106 10.85 -19.39 27.66
C VAL C 106 10.43 -20.79 28.06
N PHE C 107 11.12 -21.36 29.05
CA PHE C 107 10.91 -22.76 29.42
C PHE C 107 11.02 -23.66 28.19
N GLY C 108 11.92 -23.31 27.26
CA GLY C 108 12.14 -24.10 26.07
C GLY C 108 11.07 -23.97 24.99
N ILE C 109 10.11 -23.06 25.17
CA ILE C 109 9.06 -22.83 24.18
C ILE C 109 9.43 -21.58 23.39
N ILE C 110 9.49 -21.70 22.06
CA ILE C 110 9.71 -20.53 21.23
C ILE C 110 8.53 -19.61 21.38
N VAL C 111 8.79 -18.37 21.80
CA VAL C 111 7.73 -17.41 22.05
C VAL C 111 7.54 -16.43 20.90
N ASN C 112 8.29 -16.61 19.81
CA ASN C 112 8.20 -15.92 18.52
C ASN C 112 8.86 -14.54 18.50
N SER C 113 9.51 -14.13 19.59
CA SER C 113 10.31 -12.92 19.56
C SER C 113 11.57 -13.14 18.73
N LEU C 114 11.99 -12.10 18.00
CA LEU C 114 13.04 -12.22 16.99
C LEU C 114 14.33 -11.63 17.55
N ASP C 115 15.35 -12.48 17.76
CA ASP C 115 16.56 -11.92 18.37
C ASP C 115 17.64 -11.55 17.35
N TYR C 116 17.57 -12.03 16.11
CA TYR C 116 18.51 -11.62 15.07
C TYR C 116 17.73 -11.39 13.79
N TRP C 117 18.14 -10.37 13.02
CA TRP C 117 17.46 -10.00 11.79
C TRP C 117 18.45 -9.85 10.65
N GLY C 118 17.99 -10.13 9.44
CA GLY C 118 18.71 -9.75 8.24
C GLY C 118 18.64 -8.25 7.99
N GLN C 119 19.39 -7.78 6.97
CA GLN C 119 19.46 -6.35 6.72
C GLN C 119 18.21 -5.79 6.03
N GLY C 120 17.33 -6.66 5.52
CA GLY C 120 16.16 -6.21 4.78
C GLY C 120 16.41 -6.15 3.28
N THR C 121 15.42 -6.51 2.48
CA THR C 121 15.49 -6.37 1.03
C THR C 121 14.24 -5.62 0.58
N LEU C 122 14.43 -4.49 -0.07
CA LEU C 122 13.31 -3.76 -0.62
C LEU C 122 12.87 -4.43 -1.91
N VAL C 123 11.62 -4.87 -1.97
CA VAL C 123 11.07 -5.55 -3.13
C VAL C 123 9.98 -4.67 -3.73
N THR C 124 10.14 -4.34 -5.01
CA THR C 124 9.19 -3.49 -5.72
C THR C 124 8.49 -4.33 -6.78
N VAL C 125 7.16 -4.39 -6.74
CA VAL C 125 6.40 -5.11 -7.75
C VAL C 125 6.02 -4.09 -8.82
N SER C 126 6.59 -4.27 -10.01
CA SER C 126 6.44 -3.30 -11.08
C SER C 126 6.85 -3.96 -12.40
N SER C 127 6.18 -3.54 -13.47
CA SER C 127 6.55 -3.98 -14.80
C SER C 127 7.67 -3.15 -15.40
N ALA C 128 8.03 -2.03 -14.77
CA ALA C 128 9.01 -1.12 -15.37
C ALA C 128 10.42 -1.72 -15.31
N SER C 129 11.28 -1.26 -16.21
CA SER C 129 12.62 -1.81 -16.32
C SER C 129 13.57 -1.11 -15.35
N THR C 130 14.67 -1.79 -15.01
CA THR C 130 15.67 -1.14 -14.17
C THR C 130 16.36 -0.03 -14.94
N LYS C 131 16.77 1.02 -14.23
CA LYS C 131 17.50 2.11 -14.84
C LYS C 131 18.42 2.69 -13.79
N GLY C 132 19.71 2.77 -14.11
CA GLY C 132 20.69 3.30 -13.19
C GLY C 132 20.68 4.82 -13.16
N PRO C 133 21.14 5.39 -12.05
CA PRO C 133 21.09 6.85 -11.89
C PRO C 133 22.15 7.61 -12.67
N SER C 134 21.82 8.86 -12.93
CA SER C 134 22.81 9.88 -13.29
C SER C 134 23.18 10.62 -12.03
N VAL C 135 24.45 11.00 -11.90
CA VAL C 135 24.93 11.64 -10.68
C VAL C 135 25.57 12.97 -11.04
N PHE C 136 25.12 14.05 -10.39
CA PHE C 136 25.58 15.39 -10.67
C PHE C 136 26.08 16.05 -9.40
N PRO C 137 27.12 16.89 -9.49
CA PRO C 137 27.64 17.54 -8.29
C PRO C 137 26.72 18.64 -7.80
N LEU C 138 26.62 18.77 -6.47
CA LEU C 138 26.06 19.96 -5.82
C LEU C 138 27.26 20.74 -5.29
N ALA C 139 27.71 21.72 -6.09
CA ALA C 139 29.04 22.28 -5.84
C ALA C 139 29.00 23.33 -4.74
N PRO C 140 30.00 23.35 -3.85
CA PRO C 140 30.01 24.34 -2.77
C PRO C 140 30.10 25.75 -3.33
N SER C 141 29.35 26.67 -2.72
CA SER C 141 29.23 28.04 -3.22
C SER C 141 30.52 28.80 -3.06
N SER C 142 30.77 29.72 -4.00
CA SER C 142 31.95 30.58 -3.94
C SER C 142 31.93 31.50 -2.72
N LYS C 143 30.75 31.79 -2.18
CA LYS C 143 30.62 32.74 -1.10
C LYS C 143 30.27 32.03 0.20
N GLY C 148 31.87 29.80 8.18
CA GLY C 148 32.97 28.86 8.14
C GLY C 148 32.62 27.44 7.71
N THR C 149 31.35 27.20 7.42
CA THR C 149 30.88 25.88 7.02
C THR C 149 30.45 25.91 5.56
N ALA C 150 30.93 24.96 4.77
CA ALA C 150 30.51 24.78 3.39
C ALA C 150 29.65 23.54 3.27
N ALA C 151 28.66 23.60 2.39
CA ALA C 151 27.84 22.44 2.07
C ALA C 151 28.12 22.01 0.63
N LEU C 152 28.18 20.70 0.43
CA LEU C 152 28.36 20.15 -0.91
C LEU C 152 27.59 18.85 -0.99
N GLY C 153 27.41 18.34 -2.20
CA GLY C 153 26.61 17.14 -2.29
C GLY C 153 26.60 16.54 -3.67
N CYS C 154 25.75 15.52 -3.83
CA CYS C 154 25.55 14.82 -5.09
C CYS C 154 24.06 14.65 -5.30
N LEU C 155 23.60 15.03 -6.49
CA LEU C 155 22.23 14.79 -6.94
C LEU C 155 22.20 13.46 -7.70
N VAL C 156 21.35 12.55 -7.24
CA VAL C 156 21.30 11.19 -7.78
C VAL C 156 19.95 11.08 -8.47
N LYS C 157 19.92 11.12 -9.80
CA LYS C 157 18.67 11.37 -10.49
C LYS C 157 18.30 10.27 -11.47
N ASP C 158 16.98 10.03 -11.59
CA ASP C 158 16.38 9.24 -12.66
C ASP C 158 16.81 7.77 -12.62
N TYR C 159 16.53 7.13 -11.49
CA TYR C 159 16.82 5.70 -11.36
C TYR C 159 15.54 4.93 -10.99
N PHE C 160 15.60 3.60 -11.18
CA PHE C 160 14.48 2.73 -10.85
C PHE C 160 14.99 1.31 -10.74
N PRO C 161 14.54 0.52 -9.75
CA PRO C 161 13.71 0.89 -8.60
C PRO C 161 14.57 1.44 -7.48
N GLU C 162 14.00 1.72 -6.32
CA GLU C 162 14.81 1.94 -5.15
C GLU C 162 15.45 0.62 -4.71
N PRO C 163 16.50 0.67 -3.89
CA PRO C 163 17.19 1.83 -3.32
C PRO C 163 18.52 2.15 -3.98
N VAL C 164 19.06 3.32 -3.67
CA VAL C 164 20.47 3.63 -3.90
C VAL C 164 21.11 3.79 -2.53
N THR C 165 22.40 3.50 -2.45
CA THR C 165 23.18 3.86 -1.28
C THR C 165 24.19 4.93 -1.68
N VAL C 166 24.47 5.83 -0.76
CA VAL C 166 25.48 6.85 -1.01
C VAL C 166 26.43 6.84 0.18
N SER C 167 27.72 6.80 -0.11
CA SER C 167 28.73 7.06 0.91
C SER C 167 29.60 8.22 0.44
N TRP C 168 30.43 8.73 1.34
CA TRP C 168 31.36 9.80 1.02
C TRP C 168 32.78 9.35 1.34
N ASN C 169 33.70 9.58 0.40
CA ASN C 169 35.09 9.19 0.58
C ASN C 169 35.22 7.74 1.02
N SER C 170 34.49 6.87 0.31
CA SER C 170 34.51 5.42 0.55
C SER C 170 34.14 5.05 1.98
N GLY C 171 33.31 5.85 2.63
CA GLY C 171 32.89 5.58 3.99
C GLY C 171 33.69 6.30 5.06
N ALA C 172 34.78 6.97 4.69
CA ALA C 172 35.59 7.65 5.69
C ALA C 172 34.97 8.95 6.19
N LEU C 173 34.02 9.51 5.45
CA LEU C 173 33.32 10.73 5.85
C LEU C 173 31.88 10.36 6.19
N THR C 174 31.51 10.50 7.46
CA THR C 174 30.16 10.19 7.89
C THR C 174 29.55 11.36 8.67
N SER C 175 30.38 12.11 9.39
CA SER C 175 29.88 13.23 10.16
C SER C 175 29.31 14.31 9.24
N GLY C 176 28.11 14.78 9.57
CA GLY C 176 27.48 15.85 8.82
C GLY C 176 26.84 15.43 7.51
N VAL C 177 26.85 14.14 7.16
CA VAL C 177 26.21 13.67 5.94
C VAL C 177 24.71 13.57 6.17
N HIS C 178 23.94 13.99 5.19
CA HIS C 178 22.49 13.81 5.15
C HIS C 178 22.13 13.28 3.77
N THR C 179 21.66 12.05 3.71
CA THR C 179 21.19 11.47 2.45
C THR C 179 19.67 11.41 2.54
N PHE C 180 19.01 12.18 1.69
CA PHE C 180 17.58 12.39 1.80
C PHE C 180 16.80 11.20 1.26
N PRO C 181 15.61 10.95 1.79
CA PRO C 181 14.71 9.97 1.17
C PRO C 181 14.48 10.32 -0.29
N ALA C 182 14.43 9.30 -1.13
CA ALA C 182 14.13 9.53 -2.54
C ALA C 182 12.69 10.01 -2.71
N VAL C 183 12.46 10.74 -3.80
CA VAL C 183 11.10 11.10 -4.23
C VAL C 183 10.86 10.49 -5.60
N LEU C 184 9.62 10.05 -5.83
CA LEU C 184 9.22 9.50 -7.12
C LEU C 184 8.73 10.65 -7.99
N GLN C 185 9.37 10.83 -9.14
CA GLN C 185 9.04 11.93 -10.03
C GLN C 185 7.88 11.54 -10.95
N SER C 186 7.33 12.53 -11.65
CA SER C 186 6.21 12.28 -12.54
C SER C 186 6.57 11.35 -13.69
N SER C 187 7.86 11.24 -14.02
CA SER C 187 8.37 10.29 -14.98
C SER C 187 8.30 8.84 -14.50
N GLY C 188 8.03 8.59 -13.23
CA GLY C 188 8.12 7.24 -12.70
C GLY C 188 9.52 6.82 -12.29
N LEU C 189 10.47 7.75 -12.28
CA LEU C 189 11.84 7.51 -11.86
C LEU C 189 12.11 8.26 -10.56
N TYR C 190 12.99 7.69 -9.74
CA TYR C 190 13.32 8.26 -8.44
C TYR C 190 14.45 9.26 -8.56
N SER C 191 14.54 10.14 -7.57
CA SER C 191 15.69 11.02 -7.47
C SER C 191 15.90 11.35 -6.00
N LEU C 192 17.16 11.55 -5.61
CA LEU C 192 17.47 12.03 -4.27
C LEU C 192 18.76 12.83 -4.32
N SER C 193 19.03 13.51 -3.21
CA SER C 193 20.30 14.19 -2.99
C SER C 193 20.95 13.68 -1.72
N SER C 194 22.27 13.69 -1.72
CA SER C 194 23.08 13.48 -0.52
C SER C 194 23.99 14.69 -0.34
N VAL C 195 24.01 15.26 0.86
CA VAL C 195 24.82 16.44 1.13
C VAL C 195 25.69 16.17 2.35
N VAL C 196 26.73 16.98 2.49
CA VAL C 196 27.54 16.94 3.69
C VAL C 196 27.99 18.36 3.96
N THR C 197 28.06 18.75 5.23
CA THR C 197 28.69 20.02 5.57
C THR C 197 30.07 19.74 6.13
N VAL C 198 31.02 20.58 5.72
CA VAL C 198 32.43 20.46 6.11
C VAL C 198 32.98 21.85 6.36
N PRO C 199 34.11 21.95 7.06
CA PRO C 199 34.76 23.26 7.22
C PRO C 199 35.15 23.86 5.88
N SER C 200 34.79 25.14 5.68
CA SER C 200 35.15 25.83 4.45
C SER C 200 36.64 25.77 4.18
N SER C 201 37.46 25.76 5.24
CA SER C 201 38.91 25.69 5.07
C SER C 201 39.35 24.40 4.40
N SER C 202 38.55 23.34 4.49
CA SER C 202 38.99 22.05 3.96
C SER C 202 38.81 21.95 2.45
N LEU C 203 38.09 22.88 1.81
CA LEU C 203 37.84 22.75 0.38
C LEU C 203 39.11 22.79 -0.45
N GLY C 204 40.20 23.36 0.09
CA GLY C 204 41.42 23.48 -0.67
C GLY C 204 42.39 22.33 -0.46
N THR C 205 42.20 21.58 0.62
CA THR C 205 43.12 20.52 0.99
C THR C 205 42.49 19.14 1.05
N GLN C 206 41.17 19.02 1.07
CA GLN C 206 40.53 17.71 1.20
C GLN C 206 39.65 17.42 -0.01
N THR C 207 39.84 16.24 -0.60
CA THR C 207 39.01 15.81 -1.71
C THR C 207 37.72 15.18 -1.18
N TYR C 208 36.60 15.50 -1.84
CA TYR C 208 35.29 14.98 -1.46
C TYR C 208 34.69 14.24 -2.65
N ILE C 209 34.42 12.95 -2.46
CA ILE C 209 33.88 12.09 -3.51
C ILE C 209 32.65 11.39 -2.96
N CYS C 210 31.53 11.46 -3.68
CA CYS C 210 30.36 10.68 -3.32
C CYS C 210 30.39 9.37 -4.12
N ASN C 211 30.13 8.27 -3.42
CA ASN C 211 30.10 6.93 -4.00
C ASN C 211 28.66 6.46 -4.01
N VAL C 212 28.09 6.34 -5.22
CA VAL C 212 26.70 5.97 -5.41
C VAL C 212 26.64 4.53 -5.89
N ASN C 213 25.80 3.73 -5.24
CA ASN C 213 25.65 2.34 -5.65
C ASN C 213 24.17 2.06 -5.87
N HIS C 214 23.83 1.58 -7.05
CA HIS C 214 22.47 1.18 -7.36
C HIS C 214 22.52 -0.32 -7.69
N LYS C 215 22.36 -1.15 -6.67
CA LYS C 215 22.48 -2.60 -6.87
C LYS C 215 21.47 -3.17 -7.85
N PRO C 216 20.19 -2.73 -7.90
CA PRO C 216 19.26 -3.32 -8.89
C PRO C 216 19.77 -3.30 -10.32
N SER C 217 20.56 -2.30 -10.70
CA SER C 217 21.12 -2.20 -12.05
C SER C 217 22.62 -2.47 -12.10
N ASN C 218 23.22 -2.82 -10.98
CA ASN C 218 24.69 -2.87 -10.83
C ASN C 218 25.34 -1.66 -11.51
N THR C 219 24.93 -0.48 -11.07
CA THR C 219 25.48 0.79 -11.53
C THR C 219 26.21 1.43 -10.35
N LYS C 220 27.44 1.85 -10.55
CA LYS C 220 28.18 2.61 -9.55
C LYS C 220 28.71 3.88 -10.18
N VAL C 221 28.69 4.97 -9.41
CA VAL C 221 29.22 6.26 -9.85
C VAL C 221 30.00 6.85 -8.69
N ASP C 222 31.26 7.18 -8.94
CA ASP C 222 32.06 7.99 -8.03
C ASP C 222 32.17 9.39 -8.62
N LYS C 223 31.75 10.39 -7.86
CA LYS C 223 31.73 11.76 -8.36
C LYS C 223 32.52 12.66 -7.42
N LYS C 224 33.61 13.22 -7.93
CA LYS C 224 34.36 14.22 -7.16
C LYS C 224 33.60 15.53 -7.22
N VAL C 225 33.41 16.15 -6.05
CA VAL C 225 32.67 17.40 -5.93
C VAL C 225 33.64 18.47 -5.48
N GLU C 226 33.83 19.47 -6.33
CA GLU C 226 34.86 20.48 -6.12
C GLU C 226 34.28 21.85 -6.44
N PRO C 227 34.86 22.91 -5.88
CA PRO C 227 34.43 24.27 -6.24
C PRO C 227 34.52 24.48 -7.74
N LYS C 228 33.51 25.15 -8.30
CA LYS C 228 33.42 25.34 -9.74
C LYS C 228 34.25 26.55 -10.19
N ALA D 1 -7.66 -13.69 15.73
CA ALA D 1 -6.41 -13.03 15.36
C ALA D 1 -6.09 -11.92 16.35
N ILE D 2 -4.99 -12.10 17.08
CA ILE D 2 -4.59 -11.11 18.09
C ILE D 2 -4.49 -9.75 17.46
N GLN D 3 -5.05 -8.74 18.14
CA GLN D 3 -5.01 -7.36 17.69
C GLN D 3 -4.41 -6.51 18.80
N LEU D 4 -3.57 -5.54 18.42
CA LEU D 4 -2.87 -4.69 19.39
C LEU D 4 -3.09 -3.22 19.06
N THR D 5 -3.12 -2.38 20.09
CA THR D 5 -3.02 -0.94 19.93
C THR D 5 -1.85 -0.42 20.76
N GLN D 6 -1.32 0.74 20.36
CA GLN D 6 -0.22 1.35 21.08
C GLN D 6 -0.50 2.84 21.28
N SER D 7 -0.31 3.32 22.50
CA SER D 7 -0.60 4.71 22.81
C SER D 7 0.55 5.33 23.59
N PRO D 8 0.85 6.61 23.33
CA PRO D 8 0.28 7.45 22.27
C PRO D 8 0.82 6.95 20.94
N SER D 9 0.21 7.37 19.83
CA SER D 9 0.76 6.97 18.54
C SER D 9 2.07 7.68 18.25
N SER D 10 2.28 8.85 18.84
CA SER D 10 3.56 9.54 18.73
C SER D 10 3.70 10.44 19.95
N LEU D 11 4.95 10.82 20.25
CA LEU D 11 5.19 11.73 21.36
C LEU D 11 6.51 12.44 21.13
N SER D 12 6.66 13.57 21.81
CA SER D 12 7.89 14.34 21.78
C SER D 12 8.30 14.58 23.22
N ALA D 13 9.54 14.23 23.55
CA ALA D 13 9.99 14.29 24.94
C ALA D 13 11.42 14.79 24.98
N SER D 14 11.76 15.50 26.04
CA SER D 14 13.11 16.06 26.17
C SER D 14 14.10 15.03 26.66
N VAL D 15 15.37 15.25 26.30
CA VAL D 15 16.47 14.46 26.83
C VAL D 15 16.40 14.47 28.35
N GLY D 16 16.54 13.30 28.96
CA GLY D 16 16.43 13.15 30.40
C GLY D 16 15.02 12.87 30.91
N ASP D 17 14.00 13.02 30.07
CA ASP D 17 12.64 12.70 30.49
C ASP D 17 12.45 11.20 30.68
N ARG D 18 11.49 10.86 31.53
CA ARG D 18 10.98 9.51 31.64
C ARG D 18 9.81 9.37 30.68
N VAL D 19 9.90 8.42 29.76
CA VAL D 19 8.89 8.22 28.72
C VAL D 19 8.19 6.90 28.98
N THR D 20 6.86 6.91 28.92
CA THR D 20 6.05 5.71 29.13
C THR D 20 5.13 5.52 27.94
N ILE D 21 5.18 4.34 27.32
CA ILE D 21 4.29 4.03 26.20
C ILE D 21 3.59 2.71 26.50
N THR D 22 2.37 2.58 26.00
CA THR D 22 1.55 1.44 26.36
C THR D 22 1.18 0.62 25.14
N CYS D 23 0.94 -0.66 25.39
CA CYS D 23 0.48 -1.62 24.40
C CYS D 23 -0.72 -2.32 24.99
N ARG D 24 -1.81 -2.39 24.24
CA ARG D 24 -3.04 -3.02 24.72
C ARG D 24 -3.43 -4.13 23.76
N ALA D 25 -3.65 -5.32 24.30
CA ALA D 25 -3.95 -6.49 23.50
C ALA D 25 -5.45 -6.76 23.48
N SER D 26 -5.91 -7.44 22.43
CA SER D 26 -7.35 -7.67 22.28
C SER D 26 -7.84 -8.71 23.28
N GLN D 27 -6.98 -9.64 23.68
CA GLN D 27 -7.30 -10.64 24.67
C GLN D 27 -6.07 -11.07 25.45
N LEU D 33 4.94 -11.36 25.12
CA LEU D 33 4.94 -9.93 24.78
C LEU D 33 6.36 -9.37 24.67
N ALA D 34 6.71 -8.85 23.49
CA ALA D 34 8.04 -8.29 23.26
C ALA D 34 7.93 -6.84 22.83
N TRP D 35 9.02 -6.10 23.04
CA TRP D 35 9.13 -4.71 22.62
C TRP D 35 10.36 -4.57 21.73
N TYR D 36 10.24 -3.78 20.67
CA TYR D 36 11.32 -3.55 19.73
C TYR D 36 11.51 -2.06 19.51
N GLN D 37 12.75 -1.70 19.19
CA GLN D 37 13.13 -0.36 18.78
C GLN D 37 13.56 -0.39 17.32
N GLN D 38 12.99 0.47 16.48
CA GLN D 38 13.40 0.51 15.07
C GLN D 38 13.86 1.91 14.68
N LYS D 39 15.10 2.01 14.24
CA LYS D 39 15.66 3.27 13.77
C LYS D 39 15.66 3.31 12.25
N PRO D 40 15.76 4.49 11.64
CA PRO D 40 15.63 4.57 10.19
C PRO D 40 16.64 3.70 9.46
N GLY D 41 16.15 2.99 8.45
CA GLY D 41 17.01 2.16 7.63
C GLY D 41 17.51 0.89 8.30
N LYS D 42 16.99 0.55 9.48
CA LYS D 42 17.47 -0.62 10.21
C LYS D 42 16.31 -1.56 10.52
N ALA D 43 16.66 -2.83 10.73
CA ALA D 43 15.69 -3.79 11.22
C ALA D 43 15.28 -3.46 12.65
N PRO D 44 14.10 -3.90 13.10
CA PRO D 44 13.74 -3.72 14.51
C PRO D 44 14.74 -4.44 15.40
N LYS D 45 14.94 -3.89 16.58
CA LYS D 45 15.89 -4.40 17.57
C LYS D 45 15.12 -4.82 18.82
N LEU D 46 15.24 -6.08 19.20
CA LEU D 46 14.55 -6.55 20.40
C LEU D 46 15.12 -5.89 21.65
N LEU D 47 14.23 -5.32 22.46
CA LEU D 47 14.56 -4.69 23.74
C LEU D 47 14.18 -5.56 24.92
N ILE D 48 12.95 -6.06 24.91
CA ILE D 48 12.30 -6.73 26.05
C ILE D 48 11.55 -7.93 25.50
N TYR D 49 11.60 -9.07 26.19
CA TYR D 49 10.71 -10.16 25.86
C TYR D 49 10.06 -10.69 27.13
N ALA D 50 9.02 -11.49 26.96
CA ALA D 50 8.21 -12.01 28.07
C ALA D 50 7.81 -10.88 29.02
N ALA D 51 7.39 -9.76 28.42
CA ALA D 51 6.87 -8.54 29.04
C ALA D 51 7.88 -7.73 29.82
N SER D 52 8.82 -8.38 30.52
CA SER D 52 9.69 -7.64 31.44
C SER D 52 11.14 -8.06 31.42
N THR D 53 11.54 -9.04 30.63
CA THR D 53 12.93 -9.49 30.60
C THR D 53 13.71 -8.60 29.64
N LEU D 54 14.72 -7.92 30.15
CA LEU D 54 15.57 -7.09 29.31
C LEU D 54 16.50 -7.97 28.49
N GLN D 55 16.52 -7.75 27.17
CA GLN D 55 17.34 -8.59 26.30
C GLN D 55 18.82 -8.31 26.49
N SER D 56 19.62 -9.37 26.31
CA SER D 56 21.07 -9.27 26.40
C SER D 56 21.60 -8.11 25.54
N GLY D 57 22.46 -7.29 26.14
CA GLY D 57 23.09 -6.18 25.44
C GLY D 57 22.31 -4.89 25.38
N VAL D 58 21.08 -4.86 25.90
CA VAL D 58 20.23 -3.66 25.83
C VAL D 58 20.46 -2.79 27.06
N PRO D 59 20.55 -1.46 26.92
CA PRO D 59 20.72 -0.58 28.08
C PRO D 59 19.63 -0.75 29.12
N SER D 60 20.01 -0.56 30.39
CA SER D 60 19.08 -0.79 31.50
C SER D 60 18.01 0.29 31.60
N ARG D 61 18.16 1.42 30.92
CA ARG D 61 17.11 2.44 30.96
C ARG D 61 15.83 1.99 30.28
N PHE D 62 15.85 0.85 29.57
CA PHE D 62 14.65 0.27 28.99
C PHE D 62 14.10 -0.80 29.93
N SER D 63 12.82 -0.71 30.25
CA SER D 63 12.19 -1.71 31.12
C SER D 63 10.76 -1.91 30.68
N GLY D 64 10.29 -3.14 30.80
CA GLY D 64 8.92 -3.50 30.45
C GLY D 64 8.16 -3.95 31.68
N SER D 65 6.86 -3.65 31.68
CA SER D 65 5.99 -4.15 32.74
C SER D 65 4.61 -4.38 32.14
N GLY D 66 3.71 -4.91 32.98
CA GLY D 66 2.32 -5.05 32.59
C GLY D 66 1.83 -6.48 32.75
N SER D 67 0.53 -6.63 32.56
CA SER D 67 -0.12 -7.92 32.74
C SER D 67 -1.48 -7.92 32.07
N GLY D 68 -1.98 -9.12 31.78
CA GLY D 68 -3.30 -9.31 31.22
C GLY D 68 -3.37 -8.81 29.79
N THR D 69 -3.88 -7.61 29.61
CA THR D 69 -3.94 -7.01 28.28
C THR D 69 -3.24 -5.67 28.21
N ASP D 70 -2.60 -5.22 29.29
CA ASP D 70 -2.07 -3.86 29.36
C ASP D 70 -0.60 -3.93 29.72
N PHE D 71 0.26 -3.48 28.80
CA PHE D 71 1.70 -3.60 28.94
C PHE D 71 2.31 -2.23 28.70
N THR D 72 3.44 -1.95 29.36
CA THR D 72 4.09 -0.66 29.22
C THR D 72 5.58 -0.84 29.03
N LEU D 73 6.14 0.00 28.16
CA LEU D 73 7.58 0.16 28.01
C LEU D 73 7.94 1.50 28.60
N THR D 74 8.94 1.53 29.47
CA THR D 74 9.41 2.76 30.08
C THR D 74 10.85 2.98 29.67
N ILE D 75 11.15 4.20 29.23
CA ILE D 75 12.52 4.64 28.98
C ILE D 75 12.83 5.66 30.06
N THR D 76 13.77 5.34 30.94
CA THR D 76 14.20 6.32 31.93
C THR D 76 15.33 7.13 31.32
N SER D 77 15.35 8.42 31.62
CA SER D 77 16.35 9.33 31.09
C SER D 77 16.53 9.13 29.59
N LEU D 78 15.58 9.63 28.82
CA LEU D 78 15.65 9.62 27.37
C LEU D 78 16.95 10.22 26.86
N GLN D 79 17.59 9.53 25.91
CA GLN D 79 18.79 10.00 25.25
C GLN D 79 18.51 10.37 23.79
N PRO D 80 19.32 11.24 23.19
CA PRO D 80 19.05 11.64 21.79
C PRO D 80 19.01 10.45 20.84
N GLU D 81 19.86 9.45 21.04
CA GLU D 81 19.87 8.27 20.17
C GLU D 81 18.62 7.41 20.33
N ASP D 82 17.74 7.71 21.28
CA ASP D 82 16.53 6.91 21.47
C ASP D 82 15.41 7.30 20.52
N PHE D 83 15.61 8.30 19.68
CA PHE D 83 14.69 8.57 18.57
C PHE D 83 14.47 7.28 17.78
N ALA D 84 13.22 6.86 17.67
CA ALA D 84 12.90 5.58 17.02
C ALA D 84 11.40 5.40 17.03
N THR D 85 10.94 4.38 16.29
CA THR D 85 9.59 3.86 16.43
C THR D 85 9.66 2.61 17.30
N TYR D 86 8.80 2.53 18.31
CA TYR D 86 8.81 1.42 19.23
C TYR D 86 7.58 0.57 18.98
N TYR D 87 7.78 -0.73 18.85
CA TYR D 87 6.73 -1.68 18.51
C TYR D 87 6.58 -2.70 19.63
N CYS D 88 5.34 -3.01 19.98
CA CYS D 88 5.11 -4.22 20.75
C CYS D 88 4.74 -5.35 19.81
N GLN D 89 4.90 -6.57 20.31
CA GLN D 89 4.62 -7.78 19.55
C GLN D 89 4.04 -8.77 20.53
N LEU D 90 2.93 -9.40 20.17
CA LEU D 90 2.37 -10.48 20.96
C LEU D 90 2.33 -11.71 20.07
N SER D 91 3.08 -12.74 20.46
CA SER D 91 3.36 -13.89 19.62
C SER D 91 3.94 -13.43 18.28
N LYS D 92 3.18 -13.61 17.22
CA LYS D 92 3.64 -13.23 15.89
C LYS D 92 3.04 -11.92 15.39
N THR D 93 2.13 -11.31 16.13
CA THR D 93 1.47 -10.07 15.70
C THR D 93 2.19 -8.84 16.25
N PHE D 94 2.44 -7.86 15.39
CA PHE D 94 3.05 -6.60 15.77
C PHE D 94 2.00 -5.52 15.97
N GLY D 95 2.27 -4.62 16.91
CA GLY D 95 1.48 -3.44 17.10
C GLY D 95 1.80 -2.37 16.07
N PRO D 96 0.98 -1.31 16.07
CA PRO D 96 1.13 -0.26 15.06
C PRO D 96 2.30 0.68 15.28
N GLY D 97 2.96 0.62 16.42
CA GLY D 97 4.13 1.45 16.66
C GLY D 97 3.82 2.77 17.34
N THR D 98 4.76 3.23 18.15
CA THR D 98 4.74 4.57 18.74
C THR D 98 6.00 5.29 18.29
N LYS D 99 5.84 6.45 17.67
CA LYS D 99 6.99 7.22 17.20
C LYS D 99 7.46 8.17 18.28
N VAL D 100 8.71 8.01 18.71
CA VAL D 100 9.29 8.86 19.74
C VAL D 100 10.22 9.87 19.07
N GLU D 101 9.91 11.17 19.24
CA GLU D 101 10.74 12.30 18.83
C GLU D 101 11.38 12.92 20.06
N ILE D 102 12.62 13.37 19.90
CA ILE D 102 13.32 14.10 20.95
C ILE D 102 12.96 15.58 20.82
N LYS D 103 12.47 16.17 21.91
CA LYS D 103 12.21 17.59 21.93
C LYS D 103 13.49 18.31 22.36
N ARG D 104 13.85 19.36 21.64
CA ARG D 104 15.07 20.10 21.96
C ARG D 104 14.80 21.58 21.72
N THR D 105 15.79 22.41 21.99
CA THR D 105 15.61 23.84 21.78
C THR D 105 15.52 24.15 20.29
N VAL D 106 14.91 25.30 20.00
CA VAL D 106 14.74 25.72 18.62
C VAL D 106 16.11 25.98 18.01
N ALA D 107 16.30 25.54 16.76
CA ALA D 107 17.52 25.84 16.02
C ALA D 107 17.17 26.24 14.59
N ALA D 108 17.68 27.40 14.17
CA ALA D 108 17.41 27.86 12.80
C ALA D 108 18.19 27.02 11.80
N PRO D 109 17.67 26.87 10.58
CA PRO D 109 18.44 26.18 9.55
C PRO D 109 19.58 27.04 9.03
N SER D 110 20.66 26.37 8.65
CA SER D 110 21.65 26.95 7.75
C SER D 110 21.17 26.67 6.34
N VAL D 111 21.15 27.68 5.48
CA VAL D 111 20.51 27.58 4.16
C VAL D 111 21.57 27.71 3.08
N PHE D 112 21.51 26.81 2.08
CA PHE D 112 22.46 26.77 0.98
C PHE D 112 21.67 26.56 -0.32
N ILE D 113 22.09 27.21 -1.40
CA ILE D 113 21.45 27.02 -2.70
C ILE D 113 22.49 26.53 -3.70
N PHE D 114 22.08 25.58 -4.55
CA PHE D 114 22.98 24.95 -5.50
C PHE D 114 22.44 25.12 -6.91
N PRO D 115 23.21 25.71 -7.82
CA PRO D 115 22.78 25.79 -9.20
C PRO D 115 22.88 24.41 -9.84
N PRO D 116 22.23 24.20 -10.98
CA PRO D 116 22.46 22.96 -11.72
C PRO D 116 23.87 22.89 -12.25
N SER D 117 24.35 21.67 -12.40
CA SER D 117 25.67 21.46 -13.00
C SER D 117 25.60 21.66 -14.51
N ASP D 118 26.73 22.04 -15.10
CA ASP D 118 26.79 22.13 -16.56
C ASP D 118 26.50 20.78 -17.21
N GLU D 119 26.93 19.68 -16.57
CA GLU D 119 26.64 18.35 -17.11
C GLU D 119 25.14 18.12 -17.23
N GLN D 120 24.39 18.35 -16.14
CA GLN D 120 22.96 18.10 -16.22
C GLN D 120 22.30 18.98 -17.27
N LEU D 121 22.73 20.25 -17.37
CA LEU D 121 22.15 21.15 -18.35
C LEU D 121 22.27 20.59 -19.77
N LYS D 122 23.43 20.00 -20.09
CA LYS D 122 23.62 19.41 -21.41
C LYS D 122 22.61 18.32 -21.68
N SER D 123 22.11 17.65 -20.64
CA SER D 123 21.09 16.63 -20.81
C SER D 123 19.69 17.21 -20.99
N GLY D 124 19.53 18.52 -20.90
CA GLY D 124 18.26 19.16 -21.17
C GLY D 124 17.42 19.54 -19.97
N THR D 125 17.94 19.33 -18.76
CA THR D 125 17.16 19.57 -17.54
C THR D 125 18.04 20.35 -16.57
N ALA D 126 17.40 21.19 -15.75
CA ALA D 126 18.08 21.93 -14.70
C ALA D 126 17.39 21.62 -13.37
N SER D 127 18.15 21.06 -12.42
CA SER D 127 17.68 20.88 -11.06
C SER D 127 18.38 21.91 -10.19
N VAL D 128 17.61 22.72 -9.47
CA VAL D 128 18.13 23.72 -8.54
C VAL D 128 17.79 23.23 -7.14
N VAL D 129 18.78 23.16 -6.26
CA VAL D 129 18.57 22.53 -4.96
C VAL D 129 18.78 23.55 -3.85
N CYS D 130 17.84 23.58 -2.92
CA CYS D 130 17.93 24.39 -1.72
C CYS D 130 18.03 23.46 -0.52
N LEU D 131 19.02 23.69 0.33
CA LEU D 131 19.27 22.85 1.50
C LEU D 131 19.00 23.67 2.76
N LEU D 132 18.20 23.11 3.66
CA LEU D 132 17.98 23.68 4.99
C LEU D 132 18.61 22.68 5.96
N ASN D 133 19.68 23.07 6.62
CA ASN D 133 20.49 22.09 7.35
C ASN D 133 20.33 22.25 8.86
N ASN D 134 20.00 21.15 9.53
CA ASN D 134 20.13 21.01 10.99
C ASN D 134 19.25 22.00 11.75
N PHE D 135 17.93 21.90 11.58
CA PHE D 135 17.00 22.79 12.24
C PHE D 135 16.04 22.01 13.15
N TYR D 136 15.38 22.77 14.04
CA TYR D 136 14.38 22.20 14.94
C TYR D 136 13.47 23.35 15.36
N PRO D 137 12.13 23.17 15.36
CA PRO D 137 11.35 21.97 15.06
C PRO D 137 11.19 21.70 13.57
N ARG D 138 10.46 20.64 13.23
CA ARG D 138 10.43 20.16 11.85
C ARG D 138 9.72 21.13 10.90
N GLU D 139 8.80 21.95 11.40
CA GLU D 139 8.03 22.82 10.51
C GLU D 139 8.90 23.90 9.89
N ALA D 140 8.80 24.04 8.57
CA ALA D 140 9.58 25.01 7.81
C ALA D 140 8.88 25.26 6.48
N LYS D 141 9.04 26.47 5.96
CA LYS D 141 8.46 26.87 4.67
C LYS D 141 9.59 27.24 3.72
N VAL D 142 9.51 26.73 2.48
CA VAL D 142 10.45 27.06 1.43
C VAL D 142 9.66 27.56 0.23
N GLN D 143 10.01 28.73 -0.28
CA GLN D 143 9.41 29.30 -1.49
C GLN D 143 10.50 29.60 -2.51
N TRP D 144 10.27 29.20 -3.74
CA TRP D 144 11.22 29.46 -4.82
C TRP D 144 10.78 30.70 -5.60
N LYS D 145 11.73 31.54 -5.97
CA LYS D 145 11.47 32.68 -6.84
C LYS D 145 12.48 32.66 -7.98
N VAL D 146 11.97 32.81 -9.20
CA VAL D 146 12.78 32.88 -10.41
C VAL D 146 12.50 34.23 -11.04
N ASP D 147 13.53 35.06 -11.17
CA ASP D 147 13.38 36.45 -11.60
C ASP D 147 12.24 37.11 -10.84
N ASN D 148 12.19 36.87 -9.53
CA ASN D 148 11.23 37.43 -8.59
C ASN D 148 9.80 36.91 -8.80
N ALA D 149 9.60 35.90 -9.62
CA ALA D 149 8.28 35.30 -9.82
C ALA D 149 8.14 34.08 -8.92
N LEU D 150 7.12 34.09 -8.05
CA LEU D 150 6.88 32.96 -7.16
C LEU D 150 6.58 31.70 -7.96
N GLN D 151 7.27 30.61 -7.65
CA GLN D 151 7.08 29.35 -8.37
C GLN D 151 6.03 28.49 -7.67
N SER D 152 5.29 27.72 -8.48
CA SER D 152 4.30 26.80 -7.95
C SER D 152 4.27 25.55 -8.79
N GLY D 153 4.26 24.40 -8.12
CA GLY D 153 4.05 23.13 -8.78
C GLY D 153 5.24 22.54 -9.50
N ASN D 154 6.43 23.14 -9.40
CA ASN D 154 7.61 22.58 -10.06
C ASN D 154 8.72 22.25 -9.06
N SER D 155 8.38 22.04 -7.80
CA SER D 155 9.38 21.68 -6.80
C SER D 155 8.89 20.49 -5.98
N GLN D 156 9.84 19.74 -5.41
CA GLN D 156 9.58 18.62 -4.54
C GLN D 156 10.48 18.73 -3.31
N GLU D 157 9.96 18.42 -2.13
CA GLU D 157 10.72 18.48 -0.89
C GLU D 157 10.95 17.09 -0.33
N SER D 158 12.04 16.93 0.40
CA SER D 158 12.35 15.73 1.14
C SER D 158 12.97 16.13 2.47
N VAL D 159 12.65 15.39 3.53
CA VAL D 159 13.13 15.72 4.87
C VAL D 159 13.78 14.48 5.47
N THR D 160 14.90 14.67 6.19
CA THR D 160 15.53 13.55 6.85
C THR D 160 14.77 13.16 8.10
N GLU D 161 15.02 11.96 8.58
CA GLU D 161 14.61 11.60 9.92
C GLU D 161 15.45 12.36 10.94
N GLN D 162 14.88 12.53 12.13
CA GLN D 162 15.57 13.25 13.20
C GLN D 162 16.97 12.68 13.43
N ASP D 163 17.93 13.58 13.62
CA ASP D 163 19.32 13.17 13.81
C ASP D 163 19.51 12.52 15.18
N SER D 164 20.24 11.40 15.19
CA SER D 164 20.43 10.64 16.42
C SER D 164 21.39 11.31 17.40
N LYS D 165 22.15 12.31 16.97
CA LYS D 165 23.08 13.00 17.85
C LYS D 165 22.58 14.37 18.29
N ASP D 166 22.15 15.22 17.36
CA ASP D 166 21.76 16.58 17.73
C ASP D 166 20.26 16.83 17.61
N SER D 167 19.47 15.81 17.27
CA SER D 167 18.01 15.86 17.30
C SER D 167 17.42 16.89 16.33
N THR D 168 18.14 17.25 15.27
CA THR D 168 17.62 18.19 14.29
C THR D 168 17.12 17.47 13.04
N TYR D 169 16.53 18.25 12.14
CA TYR D 169 16.07 17.79 10.84
C TYR D 169 16.84 18.55 9.77
N SER D 170 16.88 17.97 8.57
CA SER D 170 17.36 18.70 7.40
C SER D 170 16.37 18.47 6.27
N LEU D 171 16.34 19.40 5.33
CA LEU D 171 15.33 19.40 4.28
C LEU D 171 15.95 19.84 2.98
N SER D 172 15.57 19.18 1.89
CA SER D 172 15.95 19.61 0.56
C SER D 172 14.70 20.00 -0.20
N SER D 173 14.80 21.07 -0.98
CA SER D 173 13.78 21.45 -1.95
C SER D 173 14.44 21.49 -3.31
N THR D 174 13.87 20.78 -4.28
CA THR D 174 14.47 20.68 -5.60
C THR D 174 13.51 21.28 -6.62
N LEU D 175 13.96 22.34 -7.29
CA LEU D 175 13.21 22.99 -8.36
C LEU D 175 13.68 22.42 -9.69
N THR D 176 12.74 21.94 -10.51
CA THR D 176 13.10 21.26 -11.75
C THR D 176 12.54 22.03 -12.93
N LEU D 177 13.42 22.48 -13.80
CA LEU D 177 13.06 23.22 -15.00
C LEU D 177 13.70 22.55 -16.21
N SER D 178 13.13 22.80 -17.38
CA SER D 178 13.85 22.47 -18.60
C SER D 178 15.10 23.36 -18.73
N LYS D 179 16.08 22.88 -19.49
CA LYS D 179 17.24 23.71 -19.79
C LYS D 179 16.82 25.05 -20.41
N ALA D 180 15.83 25.02 -21.30
CA ALA D 180 15.42 26.25 -21.97
C ALA D 180 14.83 27.24 -20.98
N ASP D 181 13.93 26.79 -20.10
CA ASP D 181 13.37 27.66 -19.07
C ASP D 181 14.46 28.19 -18.14
N TYR D 182 15.39 27.33 -17.73
CA TYR D 182 16.47 27.76 -16.84
C TYR D 182 17.30 28.87 -17.48
N GLU D 183 17.67 28.71 -18.75
CA GLU D 183 18.53 29.70 -19.39
C GLU D 183 17.79 30.98 -19.76
N LYS D 184 16.47 31.00 -19.63
CA LYS D 184 15.64 32.18 -19.86
C LYS D 184 15.64 33.15 -18.69
N HIS D 185 16.22 32.78 -17.55
CA HIS D 185 16.07 33.56 -16.34
C HIS D 185 17.44 33.74 -15.67
N LYS D 186 17.51 34.73 -14.78
CA LYS D 186 18.78 35.14 -14.19
C LYS D 186 18.86 34.86 -12.69
N VAL D 187 17.90 35.33 -11.91
CA VAL D 187 17.98 35.27 -10.45
C VAL D 187 17.20 34.07 -9.95
N TYR D 188 17.89 33.18 -9.24
CA TYR D 188 17.30 31.99 -8.64
C TYR D 188 17.40 32.12 -7.12
N ALA D 189 16.26 32.07 -6.44
CA ALA D 189 16.21 32.38 -5.02
C ALA D 189 15.34 31.40 -4.26
N CYS D 190 15.86 30.95 -3.13
CA CYS D 190 15.17 30.09 -2.18
C CYS D 190 14.93 30.91 -0.92
N GLU D 191 13.66 31.06 -0.52
CA GLU D 191 13.32 31.86 0.66
C GLU D 191 12.77 30.93 1.74
N VAL D 192 13.38 30.98 2.92
CA VAL D 192 13.14 30.01 3.98
C VAL D 192 12.50 30.71 5.17
N THR D 193 11.40 30.15 5.67
CA THR D 193 10.71 30.61 6.86
C THR D 193 10.82 29.53 7.93
N HIS D 194 11.30 29.91 9.11
CA HIS D 194 11.44 28.94 10.20
C HIS D 194 11.41 29.71 11.51
N GLN D 195 10.87 29.06 12.55
CA GLN D 195 10.70 29.69 13.86
C GLN D 195 12.02 30.25 14.42
N GLY D 196 13.13 29.62 14.09
CA GLY D 196 14.43 30.04 14.59
C GLY D 196 14.98 31.29 13.96
N LEU D 197 14.39 31.75 12.85
CA LEU D 197 14.82 32.94 12.15
C LEU D 197 13.98 34.13 12.57
N SER D 198 14.60 35.31 12.66
CA SER D 198 13.84 36.51 13.00
C SER D 198 12.95 36.95 11.85
N SER D 199 13.35 36.66 10.62
CA SER D 199 12.53 36.90 9.44
C SER D 199 13.03 35.95 8.36
N PRO D 200 12.27 35.77 7.27
CA PRO D 200 12.69 34.80 6.26
C PRO D 200 14.07 35.13 5.68
N VAL D 201 14.88 34.08 5.49
CA VAL D 201 16.21 34.21 4.91
C VAL D 201 16.13 33.79 3.44
N THR D 202 16.78 34.55 2.57
CA THR D 202 16.83 34.21 1.15
C THR D 202 18.27 33.94 0.73
N LYS D 203 18.49 32.78 0.10
CA LYS D 203 19.75 32.49 -0.56
C LYS D 203 19.52 32.49 -2.07
N SER D 204 20.46 33.07 -2.82
CA SER D 204 20.21 33.22 -4.24
C SER D 204 21.51 33.19 -5.02
N PHE D 205 21.39 32.93 -6.33
CA PHE D 205 22.50 33.06 -7.25
C PHE D 205 21.97 33.64 -8.56
N ASN D 206 22.90 34.16 -9.35
CA ASN D 206 22.64 34.64 -10.70
C ASN D 206 23.23 33.66 -11.68
N ARG D 207 22.40 33.18 -12.62
CA ARG D 207 22.89 32.23 -13.62
C ARG D 207 24.06 32.84 -14.38
N GLY D 208 25.17 32.12 -14.39
CA GLY D 208 26.41 32.67 -14.94
C GLY D 208 27.21 33.48 -13.94
N GLU D 209 27.20 33.09 -12.67
CA GLU D 209 27.80 33.82 -11.56
C GLU D 209 27.20 35.22 -11.45
N CYS D 210 27.49 36.08 -12.43
CA CYS D 210 26.83 37.39 -12.60
C CYS D 210 26.59 38.16 -11.29
#